data_4EL8
#
_entry.id   4EL8
#
_cell.length_a   116.300
_cell.length_b   57.666
_cell.length_c   106.060
_cell.angle_alpha   90.00
_cell.angle_beta   102.30
_cell.angle_gamma   90.00
#
_symmetry.space_group_name_H-M   'C 1 2 1'
#
loop_
_entity.id
_entity.type
_entity.pdbx_description
1 polymer 'Glycoside hydrolase family 48'
2 non-polymer 'CALCIUM ION'
3 non-polymer 'SULFATE ION'
4 non-polymer 1,2-ETHANEDIOL
5 water water
#
_entity_poly.entity_id   1
_entity_poly.type   'polypeptide(L)'
_entity_poly.pdbx_seq_one_letter_code
;STPSVLGEYGQRFMWLWNKIHDPANGYFNQDGIPYHSVETLICEAPDYGHLTTSEAFSYYVWLEAVYGKLTGDWSKFKTA
WDTLEKYMIPSAEDQPMRSYDPNKPATYAGEWETPDKYPSPLEFNVPVGKDPLHNELVSTYGSTLMYGMHWLMDVDNWYG
YGKRGDGVSRASFINTFQRGPEESVWETVPHPSWEEFKWGGPNGFLDLFIKDQNYSKQWRYTDAPDADARAIQATYWAKV
WAKEQGKFNEISSYVAKAAKMGDYLRYAMFDKYFKPLGCQDKNAAGGTGYDSAHYLLSWYYAWGGALDGAWSWKIGSSHV
HFGYQNPMAAWALANDSDMKPKSPNGASDWAKSLKRQIEFYRWLQSAEGAIAGGATNSWNGRYEKYPAGTATFYGMAYEP
NPVYHDPGSNTWFGFQAWSMQRVAEYYYVTGDKDAGALLEKWVSWVKSVVKLNSDGTFAIPSTLDWSGQPDTWNGAYTGN
SNLHVKVVDYGTDLGITASLANALLYYSAGTKKYGVFDEGAKNLAKELLDRMWKLYRDEKGLSAPEKRADYKRFFEQEVY
IPAGWIGKMPNGDVIKSGVKFIDIRSKYKQDPDWPKLEAAYKSGQAPEFRYHRFWAQCDIAIANATYEILFGNQ
;
_entity_poly.pdbx_strand_id   A
#
loop_
_chem_comp.id
_chem_comp.type
_chem_comp.name
_chem_comp.formula
CA non-polymer 'CALCIUM ION' 'Ca 2'
EDO non-polymer 1,2-ETHANEDIOL 'C2 H6 O2'
SO4 non-polymer 'SULFATE ION' 'O4 S -2'
#
# COMPACT_ATOMS: atom_id res chain seq x y z
N GLY A 7 -31.48 -3.85 -9.25
CA GLY A 7 -31.02 -5.22 -8.86
C GLY A 7 -30.60 -5.27 -7.40
N GLU A 8 -30.59 -6.47 -6.79
CA GLU A 8 -30.56 -6.61 -5.31
C GLU A 8 -29.23 -6.39 -4.60
N TYR A 9 -28.20 -7.10 -5.04
CA TYR A 9 -26.88 -6.96 -4.43
C TYR A 9 -26.33 -5.57 -4.73
N GLY A 10 -26.84 -4.94 -5.79
CA GLY A 10 -26.56 -3.54 -6.08
C GLY A 10 -27.37 -2.58 -5.21
N GLN A 11 -28.53 -3.03 -4.71
CA GLN A 11 -29.29 -2.26 -3.73
C GLN A 11 -28.35 -2.08 -2.54
N ARG A 12 -27.92 -3.23 -2.01
CA ARG A 12 -26.87 -3.33 -1.00
C ARG A 12 -25.73 -2.34 -1.16
N PHE A 13 -25.18 -2.25 -2.38
CA PHE A 13 -24.13 -1.29 -2.69
C PHE A 13 -24.62 0.14 -2.50
N MET A 14 -25.77 0.44 -3.09
CA MET A 14 -26.37 1.76 -2.96
C MET A 14 -26.57 2.14 -1.50
N TRP A 15 -27.12 1.21 -0.72
CA TRP A 15 -27.33 1.42 0.72
C TRP A 15 -26.09 1.89 1.43
N LEU A 16 -24.96 1.24 1.18
CA LEU A 16 -23.67 1.58 1.85
C LEU A 16 -23.01 2.79 1.17
N TRP A 17 -23.21 2.90 -0.14
CA TRP A 17 -22.63 4.00 -0.85
C TRP A 17 -22.99 5.34 -0.28
N ASN A 18 -24.26 5.56 0.08
CA ASN A 18 -24.63 6.86 0.64
C ASN A 18 -24.63 6.91 2.16
N LYS A 19 -24.42 5.77 2.81
CA LYS A 19 -23.97 5.80 4.20
C LYS A 19 -22.58 6.45 4.18
N ILE A 20 -21.76 6.09 3.19
CA ILE A 20 -20.44 6.71 3.00
C ILE A 20 -20.52 8.18 2.58
N HIS A 21 -21.46 8.50 1.69
CA HIS A 21 -21.59 9.86 1.13
C HIS A 21 -22.53 10.78 1.88
N ASP A 22 -23.00 10.34 3.04
CA ASP A 22 -23.84 11.18 3.90
C ASP A 22 -22.95 11.98 4.86
N PRO A 23 -22.90 13.32 4.68
CA PRO A 23 -22.09 14.16 5.57
C PRO A 23 -22.24 13.80 7.05
N ALA A 24 -23.48 13.56 7.48
CA ALA A 24 -23.77 13.09 8.84
C ALA A 24 -22.75 12.10 9.39
N ASN A 25 -22.43 11.08 8.61
CA ASN A 25 -21.59 9.98 9.09
C ASN A 25 -20.11 10.34 9.13
N GLY A 26 -19.70 11.24 8.22
CA GLY A 26 -18.40 11.91 8.30
C GLY A 26 -17.23 11.04 7.88
N TYR A 27 -17.23 10.63 6.60
CA TYR A 27 -16.14 9.85 6.03
C TYR A 27 -15.15 10.74 5.28
N PHE A 28 -15.55 11.98 5.02
CA PHE A 28 -14.73 12.92 4.27
C PHE A 28 -14.54 14.22 5.08
N ASN A 29 -13.45 14.92 4.82
CA ASN A 29 -13.22 16.24 5.42
C ASN A 29 -13.94 17.28 4.55
N GLN A 30 -13.89 18.53 4.96
CA GLN A 30 -14.59 19.62 4.27
C GLN A 30 -14.18 19.81 2.79
N ASP A 31 -13.00 19.27 2.42
CA ASP A 31 -12.51 19.33 1.03
C ASP A 31 -12.90 18.09 0.21
N GLY A 32 -13.58 17.14 0.84
CA GLY A 32 -13.93 15.88 0.17
C GLY A 32 -12.79 14.88 0.13
N ILE A 33 -11.82 15.04 1.02
CA ILE A 33 -10.72 14.10 1.19
C ILE A 33 -11.16 13.04 2.18
N PRO A 34 -11.23 11.77 1.75
CA PRO A 34 -11.70 10.76 2.71
C PRO A 34 -10.67 10.50 3.80
N TYR A 35 -11.16 10.31 5.01
CA TYR A 35 -10.31 9.93 6.14
C TYR A 35 -9.98 8.45 6.05
N HIS A 36 -8.92 8.04 6.73
CA HIS A 36 -8.63 6.62 6.90
C HIS A 36 -9.79 5.93 7.56
N SER A 37 -10.41 6.61 8.52
CA SER A 37 -11.54 6.06 9.26
C SER A 37 -12.34 7.14 9.97
N VAL A 38 -13.63 6.87 10.16
CA VAL A 38 -14.52 7.81 10.86
C VAL A 38 -14.05 8.05 12.29
N GLU A 39 -13.78 6.97 13.00
CA GLU A 39 -13.20 7.08 14.34
C GLU A 39 -11.77 7.58 14.23
N THR A 40 -11.38 8.50 15.12
CA THR A 40 -10.09 9.16 15.07
C THR A 40 -9.05 8.33 15.82
N LEU A 41 -9.46 7.76 16.95
CA LEU A 41 -8.56 6.96 17.78
C LEU A 41 -8.36 5.58 17.17
N ILE A 42 -7.40 5.54 16.26
CA ILE A 42 -7.03 4.31 15.60
C ILE A 42 -5.57 4.45 15.20
N CYS A 43 -4.85 3.34 15.25
CA CYS A 43 -3.44 3.33 14.99
C CYS A 43 -3.04 1.96 14.50
N GLU A 44 -2.51 1.90 13.29
CA GLU A 44 -2.17 0.61 12.67
C GLU A 44 -1.15 0.78 11.53
N ALA A 45 -1.51 1.52 10.48
CA ALA A 45 -0.56 1.92 9.46
C ALA A 45 -0.44 3.44 9.60
N PRO A 46 -1.53 4.18 9.38
CA PRO A 46 -1.48 5.51 9.97
C PRO A 46 -1.58 5.36 11.48
N ASP A 47 -1.23 6.41 12.21
CA ASP A 47 -1.30 6.36 13.68
C ASP A 47 -2.45 7.17 14.28
N TYR A 48 -3.33 7.67 13.41
CA TYR A 48 -4.49 8.46 13.80
C TYR A 48 -5.49 8.47 12.64
N GLY A 49 -6.78 8.40 12.97
CA GLY A 49 -7.82 8.05 12.01
C GLY A 49 -8.13 9.08 10.95
N HIS A 50 -7.97 10.34 11.30
CA HIS A 50 -8.26 11.41 10.36
C HIS A 50 -7.01 11.84 9.69
N LEU A 51 -5.97 11.00 9.75
CA LEU A 51 -4.95 11.01 8.70
C LEU A 51 -5.58 10.21 7.57
N THR A 52 -5.00 10.31 6.37
CA THR A 52 -5.42 9.41 5.29
C THR A 52 -4.24 8.93 4.47
N THR A 53 -4.52 7.95 3.60
CA THR A 53 -3.50 7.25 2.86
C THR A 53 -3.80 7.22 1.39
N SER A 54 -2.75 7.04 0.61
N SER A 54 -2.79 6.85 0.62
CA SER A 54 -2.83 6.87 -0.85
CA SER A 54 -2.97 6.58 -0.80
C SER A 54 -3.83 5.78 -1.19
C SER A 54 -3.89 5.36 -1.02
N GLU A 55 -3.81 4.73 -0.36
N GLU A 55 -3.88 4.38 -0.12
CA GLU A 55 -4.71 3.58 -0.47
CA GLU A 55 -4.80 3.27 -0.29
C GLU A 55 -6.19 3.95 -0.36
C GLU A 55 -6.26 3.78 -0.22
N ALA A 56 -6.51 4.78 0.64
CA ALA A 56 -7.87 5.30 0.85
C ALA A 56 -8.39 5.99 -0.42
N PHE A 57 -7.54 6.83 -1.00
CA PHE A 57 -7.87 7.50 -2.25
C PHE A 57 -8.12 6.53 -3.37
N SER A 58 -7.32 5.47 -3.45
CA SER A 58 -7.46 4.51 -4.54
C SER A 58 -8.77 3.77 -4.39
N TYR A 59 -9.14 3.44 -3.15
CA TYR A 59 -10.43 2.80 -2.89
C TYR A 59 -11.60 3.75 -3.20
N TYR A 60 -11.41 5.03 -2.96
CA TYR A 60 -12.45 6.00 -3.25
C TYR A 60 -12.75 5.99 -4.74
N VAL A 61 -11.72 6.11 -5.56
CA VAL A 61 -11.88 6.05 -7.03
C VAL A 61 -12.59 4.78 -7.47
N TRP A 62 -12.28 3.68 -6.80
CA TRP A 62 -12.82 2.38 -7.14
C TRP A 62 -14.28 2.30 -6.78
N LEU A 63 -14.65 2.87 -5.64
CA LEU A 63 -16.05 2.88 -5.20
C LEU A 63 -16.88 3.62 -6.23
N GLU A 64 -16.30 4.69 -6.78
CA GLU A 64 -17.04 5.53 -7.70
C GLU A 64 -17.12 4.91 -9.09
N ALA A 65 -16.05 4.25 -9.54
CA ALA A 65 -16.08 3.51 -10.80
C ALA A 65 -17.27 2.54 -10.80
N VAL A 66 -17.40 1.78 -9.72
CA VAL A 66 -18.48 0.81 -9.53
C VAL A 66 -19.85 1.51 -9.43
N TYR A 67 -19.87 2.67 -8.80
CA TYR A 67 -21.09 3.46 -8.72
C TYR A 67 -21.56 3.88 -10.12
N GLY A 68 -20.66 4.43 -10.91
CA GLY A 68 -20.98 4.87 -12.27
C GLY A 68 -21.22 3.75 -13.27
N LYS A 69 -20.88 2.52 -12.90
CA LYS A 69 -21.21 1.34 -13.69
C LYS A 69 -22.67 0.97 -13.42
N LEU A 70 -23.02 0.91 -12.13
CA LEU A 70 -24.39 0.64 -11.70
C LEU A 70 -25.39 1.78 -12.03
N THR A 71 -24.89 2.98 -12.38
CA THR A 71 -25.72 4.18 -12.49
C THR A 71 -25.78 4.79 -13.88
N GLY A 72 -24.66 4.83 -14.57
CA GLY A 72 -24.52 5.64 -15.78
C GLY A 72 -23.99 7.02 -15.43
N ASP A 73 -23.84 7.27 -14.13
CA ASP A 73 -23.45 8.57 -13.56
C ASP A 73 -21.96 8.57 -13.18
N TRP A 74 -21.16 9.18 -14.05
CA TRP A 74 -19.70 9.21 -13.91
C TRP A 74 -19.18 10.47 -13.27
N SER A 75 -20.08 11.35 -12.82
CA SER A 75 -19.71 12.58 -12.11
C SER A 75 -18.93 12.25 -10.82
N LYS A 76 -19.47 11.33 -10.03
CA LYS A 76 -18.87 10.93 -8.75
C LYS A 76 -17.46 10.34 -8.94
N PHE A 77 -17.26 9.63 -10.05
CA PHE A 77 -15.94 9.09 -10.42
C PHE A 77 -15.00 10.24 -10.76
N LYS A 78 -15.42 11.10 -11.68
CA LYS A 78 -14.65 12.30 -12.03
C LYS A 78 -14.25 13.12 -10.80
N THR A 79 -15.19 13.28 -9.85
CA THR A 79 -15.00 14.06 -8.63
C THR A 79 -13.90 13.44 -7.75
N ALA A 80 -13.97 12.12 -7.58
CA ALA A 80 -13.01 11.39 -6.76
C ALA A 80 -11.59 11.49 -7.33
N TRP A 81 -11.45 11.43 -8.65
CA TRP A 81 -10.15 11.66 -9.28
C TRP A 81 -9.67 13.08 -9.15
N ASP A 82 -10.61 14.02 -9.23
CA ASP A 82 -10.30 15.46 -9.14
C ASP A 82 -9.61 15.77 -7.81
N THR A 83 -10.27 15.39 -6.72
CA THR A 83 -9.74 15.48 -5.37
C THR A 83 -8.34 14.84 -5.26
N LEU A 84 -8.22 13.59 -5.72
CA LEU A 84 -6.97 12.81 -5.67
C LEU A 84 -5.79 13.49 -6.35
N GLU A 85 -6.00 13.99 -7.56
CA GLU A 85 -4.93 14.74 -8.25
C GLU A 85 -4.64 16.04 -7.51
N LYS A 86 -5.68 16.68 -6.99
CA LYS A 86 -5.52 17.99 -6.37
C LYS A 86 -4.75 17.88 -5.08
N TYR A 87 -5.13 16.91 -4.24
CA TYR A 87 -4.61 16.86 -2.88
C TYR A 87 -3.47 15.85 -2.67
N MET A 88 -3.63 14.62 -3.14
CA MET A 88 -2.71 13.53 -2.80
C MET A 88 -1.50 13.39 -3.73
N ILE A 89 -1.53 14.02 -4.91
CA ILE A 89 -0.39 14.04 -5.82
C ILE A 89 0.32 15.37 -5.70
N PRO A 90 1.59 15.34 -5.28
CA PRO A 90 2.37 16.58 -5.14
C PRO A 90 2.30 17.42 -6.40
N SER A 91 1.85 18.67 -6.25
CA SER A 91 1.79 19.60 -7.37
C SER A 91 3.19 20.13 -7.71
N ALA A 92 3.23 21.04 -8.68
CA ALA A 92 4.48 21.67 -9.12
C ALA A 92 5.20 22.42 -8.00
N GLU A 93 4.43 23.11 -7.17
CA GLU A 93 4.98 23.88 -6.03
C GLU A 93 5.48 22.92 -4.94
N ASP A 94 4.82 21.77 -4.84
CA ASP A 94 5.21 20.74 -3.87
C ASP A 94 6.56 20.09 -4.21
N GLN A 95 6.92 20.03 -5.49
CA GLN A 95 8.13 19.32 -5.92
C GLN A 95 8.96 20.08 -6.95
N PRO A 96 9.66 21.13 -6.50
CA PRO A 96 10.56 21.91 -7.35
C PRO A 96 12.00 21.36 -7.35
N MET A 97 12.65 21.40 -8.51
CA MET A 97 13.97 20.79 -8.71
C MET A 97 14.91 21.78 -9.42
N SER A 99 17.27 19.72 -10.53
CA SER A 99 18.37 19.31 -11.40
C SER A 99 18.88 17.88 -11.07
N TYR A 100 18.31 16.90 -11.77
CA TYR A 100 18.54 15.49 -11.48
C TYR A 100 19.59 14.86 -12.39
N ASP A 101 20.35 13.91 -11.87
CA ASP A 101 21.42 13.23 -12.59
C ASP A 101 21.17 11.72 -12.68
N PRO A 102 20.54 11.26 -13.78
CA PRO A 102 20.27 9.83 -13.97
C PRO A 102 21.41 8.86 -13.69
N ASN A 103 22.66 9.30 -13.85
CA ASN A 103 23.84 8.47 -13.57
C ASN A 103 24.17 8.37 -12.06
N LYS A 104 23.85 9.41 -11.30
N LYS A 104 23.82 9.41 -11.31
CA LYS A 104 23.98 9.39 -9.84
CA LYS A 104 23.97 9.44 -9.86
C LYS A 104 22.64 9.83 -9.22
C LYS A 104 22.62 9.85 -9.24
N PRO A 105 21.62 8.94 -9.29
CA PRO A 105 20.26 9.25 -8.86
C PRO A 105 20.10 9.35 -7.34
N ALA A 106 21.07 8.83 -6.60
CA ALA A 106 21.05 8.93 -5.17
C ALA A 106 22.41 8.59 -4.57
N THR A 107 22.56 8.88 -3.29
CA THR A 107 23.70 8.45 -2.51
C THR A 107 23.19 7.39 -1.57
N TYR A 108 23.94 6.31 -1.45
CA TYR A 108 23.48 5.13 -0.73
C TYR A 108 23.51 5.36 0.76
N ALA A 109 22.45 4.89 1.42
CA ALA A 109 22.43 4.77 2.86
C ALA A 109 21.89 3.40 3.16
N GLY A 110 22.43 2.79 4.21
CA GLY A 110 22.03 1.45 4.59
C GLY A 110 20.76 1.42 5.37
N GLU A 111 20.22 0.22 5.51
CA GLU A 111 19.15 -0.06 6.43
C GLU A 111 19.74 -0.86 7.57
N TRP A 112 19.16 -0.71 8.74
CA TRP A 112 19.71 -1.27 9.97
C TRP A 112 18.62 -1.91 10.80
N GLU A 113 19.01 -2.86 11.63
CA GLU A 113 18.10 -3.82 12.25
C GLU A 113 17.11 -3.21 13.23
N THR A 114 17.54 -2.19 13.96
CA THR A 114 16.73 -1.53 14.98
C THR A 114 16.76 -0.01 14.78
N PRO A 115 15.73 0.69 15.28
CA PRO A 115 15.66 2.16 15.18
C PRO A 115 16.83 2.89 15.85
N ASP A 116 17.41 2.30 16.90
CA ASP A 116 18.51 2.95 17.62
C ASP A 116 19.82 3.02 16.81
N LYS A 117 19.93 2.26 15.72
CA LYS A 117 21.11 2.38 14.83
C LYS A 117 21.00 3.57 13.84
N TYR A 118 19.83 4.18 13.77
CA TYR A 118 19.66 5.39 12.96
C TYR A 118 19.97 6.64 13.81
N PRO A 119 20.30 7.78 13.15
CA PRO A 119 20.37 8.06 11.70
C PRO A 119 21.41 7.21 10.97
N SER A 120 21.13 6.93 9.70
CA SER A 120 21.96 6.06 8.88
C SER A 120 22.98 6.90 8.10
N PRO A 121 24.26 6.52 8.13
CA PRO A 121 25.27 7.32 7.44
C PRO A 121 25.28 7.13 5.92
N LEU A 122 25.40 8.23 5.18
CA LEU A 122 25.60 8.10 3.75
C LEU A 122 26.91 7.33 3.54
N GLU A 123 26.97 6.54 2.47
CA GLU A 123 28.20 5.88 2.05
C GLU A 123 28.46 6.27 0.60
N PHE A 124 29.38 7.21 0.41
CA PHE A 124 29.56 7.87 -0.86
C PHE A 124 30.38 7.04 -1.82
N ASN A 125 31.11 6.08 -1.28
CA ASN A 125 31.87 5.17 -2.12
C ASN A 125 30.96 4.10 -2.74
N VAL A 126 29.86 3.75 -2.04
CA VAL A 126 28.97 2.68 -2.52
C VAL A 126 28.38 3.07 -3.88
N PRO A 127 28.71 2.29 -4.92
CA PRO A 127 28.23 2.66 -6.25
C PRO A 127 26.72 2.65 -6.34
N VAL A 128 26.15 3.70 -6.87
CA VAL A 128 24.75 3.68 -7.23
C VAL A 128 24.70 3.55 -8.75
N GLY A 129 23.60 3.03 -9.26
CA GLY A 129 23.48 2.71 -10.68
C GLY A 129 22.68 3.76 -11.42
N LYS A 130 22.44 3.45 -12.69
CA LYS A 130 21.83 4.39 -13.62
C LYS A 130 20.30 4.28 -13.58
N ASP A 131 19.64 5.41 -13.35
CA ASP A 131 18.18 5.51 -13.54
C ASP A 131 17.93 5.58 -15.04
N PRO A 132 17.25 4.56 -15.62
CA PRO A 132 17.00 4.50 -17.06
C PRO A 132 15.64 4.99 -17.52
N LEU A 133 14.82 5.53 -16.62
CA LEU A 133 13.44 5.92 -16.95
C LEU A 133 13.28 7.41 -17.12
N HIS A 134 14.20 8.17 -16.55
CA HIS A 134 13.99 9.61 -16.37
C HIS A 134 13.97 10.38 -17.66
N ASN A 135 15.02 10.23 -18.46
CA ASN A 135 15.11 10.94 -19.74
C ASN A 135 13.91 10.60 -20.63
N GLU A 136 13.53 9.33 -20.70
CA GLU A 136 12.32 8.97 -21.45
C GLU A 136 11.07 9.71 -20.93
N LEU A 137 10.95 9.85 -19.61
CA LEU A 137 9.73 10.44 -19.00
C LEU A 137 9.66 11.96 -19.19
N VAL A 138 10.82 12.62 -19.21
CA VAL A 138 10.90 14.04 -19.54
C VAL A 138 10.43 14.25 -20.98
N SER A 139 11.03 13.51 -21.90
CA SER A 139 10.65 13.55 -23.33
C SER A 139 9.16 13.38 -23.52
N THR A 140 8.58 12.44 -22.80
CA THR A 140 7.19 12.07 -23.01
C THR A 140 6.23 13.14 -22.54
N TYR A 141 6.51 13.77 -21.43
CA TYR A 141 5.52 14.62 -20.77
C TYR A 141 5.82 16.14 -20.78
N GLY A 142 7.02 16.54 -21.20
CA GLY A 142 7.43 17.95 -21.15
C GLY A 142 7.80 18.39 -19.75
N SER A 143 7.13 17.83 -18.74
CA SER A 143 7.41 18.05 -17.32
C SER A 143 8.63 17.29 -16.79
N THR A 144 9.03 17.72 -15.60
CA THR A 144 9.94 17.00 -14.74
C THR A 144 9.22 16.55 -13.46
N LEU A 145 8.01 17.05 -13.29
CA LEU A 145 7.13 16.65 -12.20
C LEU A 145 6.93 15.14 -12.23
N MET A 146 6.82 14.54 -11.04
CA MET A 146 6.53 13.12 -10.86
C MET A 146 5.04 12.91 -10.54
N TYR A 147 4.38 12.08 -11.33
CA TYR A 147 2.95 11.90 -11.22
C TYR A 147 2.62 10.58 -10.49
N GLY A 148 2.58 10.69 -9.17
CA GLY A 148 2.17 9.58 -8.30
C GLY A 148 1.80 10.10 -6.92
N MET A 149 0.96 9.34 -6.22
CA MET A 149 0.51 9.71 -4.87
C MET A 149 1.58 9.49 -3.78
N HIS A 150 1.77 10.50 -2.94
CA HIS A 150 2.48 10.35 -1.68
C HIS A 150 1.53 9.63 -0.76
N TRP A 151 2.05 8.83 0.17
CA TRP A 151 1.22 7.77 0.78
C TRP A 151 0.44 8.15 1.99
N LEU A 152 0.85 9.23 2.64
CA LEU A 152 0.29 9.63 3.93
C LEU A 152 0.05 11.13 3.98
N MET A 153 -1.13 11.50 4.42
CA MET A 153 -1.54 12.89 4.51
C MET A 153 -2.19 13.15 5.86
N ASP A 154 -1.95 14.34 6.38
CA ASP A 154 -2.62 14.86 7.57
C ASP A 154 -3.70 15.79 7.04
N VAL A 155 -4.89 15.25 6.84
CA VAL A 155 -5.96 15.94 6.12
C VAL A 155 -6.50 17.17 6.87
N ASP A 156 -6.72 17.07 8.18
CA ASP A 156 -7.20 18.25 8.97
C ASP A 156 -6.08 18.90 9.79
N ASN A 157 -4.87 18.80 9.27
CA ASN A 157 -3.69 19.38 9.87
C ASN A 157 -3.58 19.17 11.39
N TRP A 158 -3.90 17.95 11.82
CA TRP A 158 -3.83 17.53 13.23
C TRP A 158 -2.46 17.62 13.86
N TYR A 159 -1.40 17.34 13.09
CA TYR A 159 -0.03 17.37 13.61
C TYR A 159 0.49 18.80 13.63
N GLY A 160 0.02 19.62 12.69
CA GLY A 160 0.30 21.05 12.69
C GLY A 160 1.46 21.50 11.81
N TYR A 161 1.83 20.68 10.84
CA TYR A 161 2.93 21.04 9.92
C TYR A 161 2.42 21.87 8.74
N GLY A 162 1.12 21.78 8.49
CA GLY A 162 0.48 22.50 7.39
C GLY A 162 0.98 22.15 6.00
N LYS A 163 0.76 23.06 5.06
CA LYS A 163 1.22 22.96 3.67
C LYS A 163 2.53 23.69 3.49
N ARG A 164 3.53 22.99 2.99
CA ARG A 164 4.82 23.59 2.65
C ARG A 164 5.39 24.42 3.80
N GLY A 165 5.09 24.01 5.03
CA GLY A 165 5.62 24.65 6.24
C GLY A 165 4.75 25.73 6.88
N ASP A 166 3.51 25.92 6.42
CA ASP A 166 2.71 27.05 6.92
C ASP A 166 1.93 26.76 8.22
N GLY A 167 2.17 25.59 8.81
CA GLY A 167 1.59 25.19 10.09
C GLY A 167 0.08 25.34 10.23
N VAL A 168 -0.62 25.66 9.12
CA VAL A 168 -2.05 25.97 9.19
C VAL A 168 -2.95 25.27 8.15
N SER A 169 -2.44 25.05 6.93
CA SER A 169 -3.29 24.46 5.88
C SER A 169 -3.68 22.99 6.10
N ARG A 170 -4.85 22.64 5.58
CA ARG A 170 -5.31 21.26 5.55
C ARG A 170 -4.58 20.50 4.43
N ALA A 171 -4.78 19.18 4.34
CA ALA A 171 -4.11 18.35 3.33
C ALA A 171 -2.58 18.49 3.41
N SER A 172 -2.05 18.23 4.60
CA SER A 172 -0.63 18.34 4.89
C SER A 172 0.10 17.03 4.61
N PHE A 173 1.13 17.07 3.76
CA PHE A 173 1.95 15.88 3.48
C PHE A 173 2.94 15.56 4.62
N ILE A 174 2.76 14.40 5.24
CA ILE A 174 3.65 13.97 6.30
C ILE A 174 4.22 12.61 5.99
N ASN A 175 5.17 12.18 6.81
CA ASN A 175 5.72 10.85 6.70
C ASN A 175 6.19 10.45 8.07
N THR A 176 6.16 9.14 8.30
CA THR A 176 6.50 8.56 9.58
C THR A 176 7.61 7.53 9.38
N PHE A 177 7.26 6.32 8.95
CA PHE A 177 8.22 5.24 8.86
C PHE A 177 9.45 5.64 8.08
N GLN A 178 10.61 5.55 8.75
CA GLN A 178 11.93 5.88 8.17
C GLN A 178 13.13 5.08 8.73
N ARG A 179 12.95 4.31 9.80
CA ARG A 179 14.09 3.73 10.50
C ARG A 179 14.10 2.21 10.55
N GLY A 180 13.86 1.61 9.40
CA GLY A 180 14.13 0.19 9.23
C GLY A 180 13.01 -0.76 9.65
N PRO A 181 13.27 -2.08 9.52
CA PRO A 181 12.23 -3.10 9.62
C PRO A 181 11.63 -3.30 11.03
N GLU A 182 12.28 -2.80 12.06
CA GLU A 182 11.73 -2.90 13.43
C GLU A 182 11.03 -1.63 13.92
N GLU A 183 10.95 -0.61 13.08
CA GLU A 183 10.30 0.62 13.48
C GLU A 183 8.80 0.53 13.28
N SER A 184 8.09 0.07 14.31
CA SER A 184 6.65 -0.12 14.18
C SER A 184 5.92 1.23 14.09
N VAL A 185 4.62 1.20 13.81
CA VAL A 185 3.80 2.40 13.84
C VAL A 185 3.94 3.14 15.19
N TRP A 186 4.31 2.40 16.24
CA TRP A 186 4.42 2.96 17.58
C TRP A 186 5.70 3.70 17.84
N GLU A 187 6.67 3.60 16.94
CA GLU A 187 8.05 4.00 17.21
C GLU A 187 8.59 5.06 16.24
N THR A 188 7.68 5.75 15.55
CA THR A 188 8.05 6.79 14.61
C THR A 188 8.05 8.20 15.19
N VAL A 189 8.59 9.14 14.42
CA VAL A 189 8.49 10.55 14.76
C VAL A 189 7.86 11.23 13.55
N PRO A 190 6.56 11.53 13.60
CA PRO A 190 5.93 12.06 12.41
C PRO A 190 6.48 13.41 12.05
N HIS A 191 6.75 13.60 10.77
CA HIS A 191 7.49 14.75 10.31
C HIS A 191 6.93 15.20 8.99
N PRO A 192 7.15 16.48 8.65
CA PRO A 192 6.60 16.93 7.39
C PRO A 192 7.43 16.51 6.20
N SER A 193 6.76 16.19 5.09
CA SER A 193 7.42 15.83 3.85
C SER A 193 8.23 16.98 3.32
N TRP A 194 7.72 18.19 3.55
CA TRP A 194 8.41 19.41 3.20
C TRP A 194 9.16 19.85 4.42
N GLU A 195 10.48 19.94 4.34
CA GLU A 195 11.32 20.29 5.49
C GLU A 195 12.00 21.68 5.37
N GLU A 196 11.54 22.64 6.18
CA GLU A 196 12.15 23.99 6.29
C GLU A 196 12.92 24.20 7.61
N PHE A 197 13.06 23.16 8.42
CA PHE A 197 13.62 23.23 9.79
C PHE A 197 12.78 24.08 10.75
N LYS A 198 11.48 24.21 10.50
CA LYS A 198 10.63 25.04 11.37
C LYS A 198 10.18 24.28 12.61
N TRP A 199 10.42 22.98 12.62
CA TRP A 199 10.11 22.14 13.78
C TRP A 199 11.17 21.12 13.90
N GLY A 200 11.09 20.30 14.93
CA GLY A 200 12.13 19.34 15.22
C GLY A 200 13.32 20.08 15.77
N GLY A 201 14.51 19.57 15.47
CA GLY A 201 15.77 20.13 15.93
C GLY A 201 16.33 21.17 14.98
N PRO A 202 17.62 21.54 15.12
CA PRO A 202 18.25 22.52 14.23
C PRO A 202 18.20 22.15 12.73
N ASN A 203 18.39 20.86 12.42
CA ASN A 203 18.25 20.36 11.06
C ASN A 203 16.87 19.77 10.77
N GLY A 204 15.83 20.32 11.39
CA GLY A 204 14.52 19.73 11.29
C GLY A 204 14.47 18.32 11.88
N PHE A 205 13.98 17.36 11.11
CA PHE A 205 13.97 15.93 11.49
C PHE A 205 14.96 15.07 10.67
N LEU A 206 15.57 15.68 9.64
CA LEU A 206 16.51 15.01 8.75
C LEU A 206 17.52 14.18 9.51
N ASP A 207 18.11 14.75 10.54
CA ASP A 207 19.25 14.08 11.18
C ASP A 207 18.85 13.00 12.17
N LEU A 208 17.55 12.70 12.26
CA LEU A 208 17.13 11.46 12.94
C LEU A 208 17.30 10.26 12.02
N PHE A 209 17.30 10.50 10.71
CA PHE A 209 17.18 9.44 9.71
C PHE A 209 18.41 9.23 8.85
N ILE A 210 19.14 10.31 8.59
CA ILE A 210 20.31 10.30 7.73
C ILE A 210 21.46 11.03 8.41
N LYS A 211 22.65 10.44 8.39
CA LYS A 211 23.85 11.09 8.92
C LYS A 211 24.71 11.65 7.80
N ASP A 212 24.87 12.97 7.81
CA ASP A 212 25.57 13.72 6.79
C ASP A 212 26.30 14.86 7.51
N GLN A 213 27.30 15.47 6.88
CA GLN A 213 27.95 16.66 7.44
C GLN A 213 27.02 17.88 7.50
N ASN A 214 26.27 18.10 6.42
CA ASN A 214 25.41 19.27 6.31
C ASN A 214 24.07 18.94 5.67
N TYR A 215 23.07 19.69 6.08
CA TYR A 215 21.68 19.36 5.83
C TYR A 215 21.00 20.55 5.16
N SER A 216 20.15 20.29 4.16
CA SER A 216 19.50 21.36 3.46
C SER A 216 18.00 21.24 3.57
N LYS A 217 17.32 22.37 3.58
CA LYS A 217 15.87 22.32 3.44
C LYS A 217 15.58 21.59 2.14
N GLN A 218 14.50 20.82 2.13
CA GLN A 218 14.17 19.96 0.98
C GLN A 218 12.81 19.31 1.17
N TRP A 219 12.33 18.69 0.10
CA TRP A 219 11.10 17.89 0.17
C TRP A 219 11.41 16.47 -0.18
N ARG A 220 10.53 15.57 0.27
CA ARG A 220 10.68 14.12 0.11
C ARG A 220 9.31 13.50 -0.01
N TYR A 221 9.08 12.66 -1.01
CA TYR A 221 7.79 11.94 -1.10
C TYR A 221 7.99 10.44 -1.31
N THR A 222 6.99 9.68 -0.87
CA THR A 222 7.05 8.21 -0.88
C THR A 222 5.74 7.64 -1.38
N ASP A 223 5.81 6.93 -2.50
CA ASP A 223 4.66 6.32 -3.15
C ASP A 223 4.41 4.92 -2.63
N ALA A 224 3.14 4.59 -2.41
CA ALA A 224 2.71 3.23 -2.10
C ALA A 224 2.15 2.68 -3.38
N PRO A 225 2.92 1.82 -4.07
CA PRO A 225 2.56 1.35 -5.42
C PRO A 225 1.28 0.57 -5.52
N ASP A 226 0.96 -0.22 -4.52
CA ASP A 226 -0.33 -0.89 -4.54
C ASP A 226 -1.44 0.15 -4.70
N ALA A 227 -1.31 1.28 -4.01
CA ALA A 227 -2.33 2.31 -4.05
C ALA A 227 -2.49 2.82 -5.46
N ASP A 228 -1.41 3.30 -6.07
CA ASP A 228 -1.47 3.78 -7.44
C ASP A 228 -2.05 2.70 -8.37
N ALA A 229 -1.54 1.47 -8.25
CA ALA A 229 -1.96 0.39 -9.12
C ALA A 229 -3.48 0.16 -8.97
N ARG A 230 -3.97 0.19 -7.73
CA ARG A 230 -5.42 0.08 -7.48
C ARG A 230 -6.19 1.23 -8.18
N ALA A 231 -5.65 2.43 -8.12
CA ALA A 231 -6.26 3.56 -8.80
C ALA A 231 -6.38 3.27 -10.31
N ILE A 232 -5.33 2.63 -10.86
CA ILE A 232 -5.26 2.29 -12.28
C ILE A 232 -6.18 1.11 -12.59
N GLN A 233 -6.10 0.07 -11.76
CA GLN A 233 -7.05 -1.03 -11.81
C GLN A 233 -8.47 -0.52 -11.82
N ALA A 234 -8.76 0.41 -10.91
CA ALA A 234 -10.10 1.02 -10.84
C ALA A 234 -10.48 1.69 -12.15
N THR A 235 -9.55 2.48 -12.70
CA THR A 235 -9.81 3.28 -13.90
C THR A 235 -9.97 2.40 -15.14
N TYR A 236 -9.44 1.19 -15.08
CA TYR A 236 -9.60 0.26 -16.19
C TYR A 236 -11.06 -0.13 -16.26
N TRP A 237 -11.65 -0.45 -15.12
CA TRP A 237 -13.06 -0.79 -15.08
C TRP A 237 -13.98 0.35 -15.38
N ALA A 238 -13.58 1.56 -15.00
CA ALA A 238 -14.37 2.73 -15.34
C ALA A 238 -14.31 2.95 -16.86
N LYS A 239 -13.22 2.52 -17.49
CA LYS A 239 -13.09 2.70 -18.93
C LYS A 239 -13.93 1.64 -19.65
N VAL A 240 -13.88 0.40 -19.19
CA VAL A 240 -14.64 -0.69 -19.80
C VAL A 240 -16.12 -0.39 -19.62
N TRP A 241 -16.47 0.08 -18.42
CA TRP A 241 -17.86 0.31 -18.07
C TRP A 241 -18.47 1.53 -18.70
N ALA A 242 -17.71 2.61 -18.85
CA ALA A 242 -18.22 3.80 -19.56
C ALA A 242 -18.34 3.53 -21.06
N LYS A 243 -17.42 2.74 -21.60
CA LYS A 243 -17.42 2.40 -23.02
C LYS A 243 -18.59 1.45 -23.37
N GLU A 244 -18.96 0.58 -22.44
CA GLU A 244 -20.18 -0.22 -22.57
C GLU A 244 -21.38 0.69 -22.82
N GLN A 245 -21.44 1.79 -22.07
CA GLN A 245 -22.58 2.71 -22.08
C GLN A 245 -22.45 3.85 -23.09
N GLY A 246 -21.39 3.83 -23.91
CA GLY A 246 -21.13 4.90 -24.87
C GLY A 246 -20.82 6.25 -24.24
N LYS A 247 -20.38 6.24 -22.98
CA LYS A 247 -20.03 7.47 -22.25
C LYS A 247 -18.51 7.65 -22.09
N PHE A 248 -17.72 6.85 -22.80
CA PHE A 248 -16.27 6.85 -22.63
C PHE A 248 -15.65 8.25 -22.65
N ASN A 249 -16.00 9.04 -23.67
CA ASN A 249 -15.35 10.33 -23.94
C ASN A 249 -15.47 11.30 -22.76
N GLU A 250 -16.58 11.15 -22.02
CA GLU A 250 -16.77 11.80 -20.72
C GLU A 250 -15.58 11.53 -19.76
N ILE A 251 -15.13 10.28 -19.73
CA ILE A 251 -14.05 9.78 -18.86
C ILE A 251 -12.68 9.82 -19.54
N SER A 252 -12.65 10.29 -20.79
CA SER A 252 -11.44 10.41 -21.60
C SER A 252 -10.15 10.78 -20.83
N SER A 253 -10.07 12.01 -20.37
CA SER A 253 -8.84 12.52 -19.75
C SER A 253 -8.50 11.87 -18.40
N TYR A 254 -9.46 11.17 -17.82
CA TYR A 254 -9.25 10.45 -16.54
C TYR A 254 -8.55 9.09 -16.73
N VAL A 255 -8.89 8.39 -17.81
CA VAL A 255 -8.13 7.24 -18.25
C VAL A 255 -6.70 7.68 -18.55
N ALA A 256 -6.54 8.88 -19.10
CA ALA A 256 -5.21 9.42 -19.39
C ALA A 256 -4.40 9.64 -18.10
N LYS A 257 -5.05 10.13 -17.05
CA LYS A 257 -4.40 10.30 -15.74
C LYS A 257 -3.86 8.95 -15.26
N ALA A 258 -4.73 7.94 -15.26
CA ALA A 258 -4.35 6.57 -14.93
C ALA A 258 -3.13 6.06 -15.72
N ALA A 259 -3.10 6.35 -17.01
CA ALA A 259 -2.00 5.91 -17.87
C ALA A 259 -0.69 6.67 -17.61
N LYS A 260 -0.78 7.98 -17.34
CA LYS A 260 0.40 8.75 -16.95
C LYS A 260 0.94 8.24 -15.60
N MET A 261 0.03 8.07 -14.65
CA MET A 261 0.36 7.49 -13.36
C MET A 261 1.04 6.14 -13.57
N GLY A 262 0.40 5.30 -14.37
CA GLY A 262 0.95 4.02 -14.78
C GLY A 262 2.36 4.15 -15.32
N ASP A 263 2.62 5.22 -16.06
CA ASP A 263 3.93 5.40 -16.70
C ASP A 263 5.02 5.68 -15.66
N TYR A 264 4.68 6.49 -14.64
CA TYR A 264 5.66 6.86 -13.60
C TYR A 264 5.81 5.74 -12.59
N LEU A 265 4.76 4.93 -12.47
CA LEU A 265 4.71 3.85 -11.48
C LEU A 265 5.83 2.83 -11.74
N ARG A 266 6.41 2.89 -12.93
CA ARG A 266 7.54 2.03 -13.29
C ARG A 266 8.79 2.26 -12.43
N TYR A 267 8.83 3.34 -11.63
CA TYR A 267 9.89 3.49 -10.63
C TYR A 267 9.75 2.46 -9.47
N ALA A 268 8.55 1.91 -9.31
CA ALA A 268 8.31 0.85 -8.33
C ALA A 268 9.02 -0.44 -8.75
N MET A 269 9.56 -0.47 -9.97
CA MET A 269 10.10 -1.71 -10.56
C MET A 269 11.60 -1.92 -10.40
N PHE A 270 12.25 -1.01 -9.69
CA PHE A 270 13.70 -0.99 -9.61
C PHE A 270 14.26 -1.13 -8.18
N ASP A 271 15.41 -1.79 -8.09
CA ASP A 271 16.19 -1.89 -6.87
C ASP A 271 16.40 -0.52 -6.29
N LYS A 272 16.42 -0.44 -4.95
CA LYS A 272 16.55 0.83 -4.24
C LYS A 272 17.53 1.76 -4.94
N TYR A 273 18.77 1.29 -5.09
CA TYR A 273 19.88 2.09 -5.62
C TYR A 273 20.32 1.68 -7.04
N PHE A 274 19.34 1.37 -7.88
CA PHE A 274 19.56 0.82 -9.21
C PHE A 274 20.74 -0.14 -9.28
N LYS A 275 20.80 -1.02 -8.30
CA LYS A 275 21.84 -2.04 -8.19
C LYS A 275 21.34 -3.23 -8.97
N PRO A 276 22.25 -4.06 -9.51
CA PRO A 276 21.74 -5.17 -10.31
C PRO A 276 21.16 -6.33 -9.48
N LEU A 277 20.14 -6.99 -10.01
CA LEU A 277 19.52 -8.11 -9.32
C LEU A 277 20.59 -9.15 -9.07
N GLY A 278 20.62 -9.71 -7.88
CA GLY A 278 21.58 -10.75 -7.54
C GLY A 278 22.96 -10.30 -7.05
N CYS A 279 23.23 -9.00 -7.09
CA CYS A 279 24.58 -8.48 -6.82
C CYS A 279 25.22 -8.99 -5.51
N GLN A 280 24.47 -8.93 -4.40
CA GLN A 280 24.90 -9.48 -3.10
C GLN A 280 26.18 -8.87 -2.55
N ASP A 281 26.41 -7.60 -2.87
CA ASP A 281 27.58 -6.87 -2.41
C ASP A 281 27.37 -5.38 -2.60
N LYS A 282 27.47 -4.59 -1.53
CA LYS A 282 27.19 -3.14 -1.67
C LYS A 282 28.22 -2.43 -2.55
N ASN A 283 29.42 -2.98 -2.63
CA ASN A 283 30.52 -2.39 -3.42
C ASN A 283 30.48 -2.73 -4.92
N ALA A 284 29.63 -3.67 -5.33
CA ALA A 284 29.48 -4.02 -6.75
C ALA A 284 29.00 -2.83 -7.59
N ALA A 285 29.33 -2.85 -8.88
CA ALA A 285 28.97 -1.74 -9.76
C ALA A 285 27.45 -1.64 -9.91
N GLY A 286 26.98 -0.43 -10.14
CA GLY A 286 25.57 -0.19 -10.40
C GLY A 286 25.09 -0.69 -11.75
N GLY A 287 23.78 -0.94 -11.84
CA GLY A 287 23.19 -1.37 -13.09
C GLY A 287 23.38 -0.30 -14.13
N THR A 288 23.30 -0.66 -15.40
CA THR A 288 23.42 0.30 -16.48
C THR A 288 22.07 0.56 -17.13
N GLY A 289 21.09 -0.26 -16.82
CA GLY A 289 19.75 -0.05 -17.30
C GLY A 289 18.80 -0.96 -16.58
N TYR A 290 18.18 -1.87 -17.30
CA TYR A 290 17.12 -2.68 -16.73
C TYR A 290 17.60 -3.94 -15.97
N ASP A 291 18.92 -4.10 -15.86
CA ASP A 291 19.52 -5.12 -14.98
C ASP A 291 19.25 -4.87 -13.48
N SER A 292 18.79 -3.66 -13.14
CA SER A 292 18.37 -3.31 -11.78
C SER A 292 16.84 -3.30 -11.60
N ALA A 293 16.11 -3.47 -12.70
CA ALA A 293 14.67 -3.68 -12.65
C ALA A 293 14.36 -5.10 -12.15
N HIS A 294 13.58 -5.21 -11.08
CA HIS A 294 13.00 -6.50 -10.71
C HIS A 294 11.66 -6.66 -11.37
N TYR A 295 11.14 -5.62 -12.01
CA TYR A 295 9.88 -5.69 -12.76
C TYR A 295 8.68 -6.09 -11.87
N LEU A 296 8.73 -5.76 -10.59
CA LEU A 296 7.63 -6.00 -9.67
C LEU A 296 7.25 -4.67 -9.06
N LEU A 297 6.13 -4.63 -8.35
CA LEU A 297 5.72 -3.43 -7.63
C LEU A 297 6.34 -3.48 -6.22
N SER A 298 7.41 -2.71 -6.02
CA SER A 298 8.25 -2.83 -4.82
C SER A 298 7.54 -2.14 -3.68
N TRP A 299 8.13 -2.18 -2.48
CA TRP A 299 7.49 -1.49 -1.33
C TRP A 299 7.37 0.00 -1.48
N TYR A 300 8.16 0.57 -2.38
CA TYR A 300 8.01 1.96 -2.72
C TYR A 300 8.97 2.45 -3.77
N TYR A 301 8.60 3.57 -4.38
CA TYR A 301 9.61 4.47 -4.89
C TYR A 301 9.50 5.79 -4.11
N ALA A 302 10.62 6.48 -4.03
CA ALA A 302 10.70 7.69 -3.26
C ALA A 302 11.41 8.73 -4.11
N TRP A 303 11.00 9.98 -3.99
N TRP A 303 10.98 9.98 -4.02
CA TRP A 303 11.76 11.07 -4.59
CA TRP A 303 11.70 11.04 -4.70
C TRP A 303 12.04 12.20 -3.63
C TRP A 303 11.86 12.23 -3.80
N GLY A 304 13.34 12.50 -3.47
N GLY A 304 13.03 12.86 -3.90
CA GLY A 304 13.80 13.60 -2.63
CA GLY A 304 13.35 14.03 -3.11
C GLY A 304 14.19 14.77 -3.51
C GLY A 304 14.02 15.10 -3.95
N GLY A 305 14.18 15.98 -2.96
N GLY A 305 13.84 16.36 -3.56
CA GLY A 305 14.51 17.17 -3.76
CA GLY A 305 14.47 17.46 -4.26
C GLY A 305 14.74 18.42 -2.95
C GLY A 305 14.72 18.62 -3.32
N ALA A 306 15.80 19.16 -3.32
N ALA A 306 15.87 19.27 -3.50
CA ALA A 306 16.24 20.33 -2.56
CA ALA A 306 16.28 20.37 -2.63
C ALA A 306 15.37 21.56 -2.82
C ALA A 306 15.39 21.60 -2.84
N LEU A 307 15.22 22.37 -1.77
CA LEU A 307 14.24 23.46 -1.72
C LEU A 307 14.64 24.61 -2.64
N TRP A 311 20.07 20.06 -5.98
CA TRP A 311 20.17 18.59 -5.99
C TRP A 311 18.79 17.87 -6.04
N SER A 312 18.79 16.65 -6.60
CA SER A 312 17.61 15.76 -6.65
C SER A 312 18.00 14.28 -6.39
N TRP A 313 17.08 13.49 -5.79
N TRP A 313 17.03 13.48 -5.95
CA TRP A 313 17.22 12.01 -5.67
CA TRP A 313 17.23 12.05 -5.84
C TRP A 313 15.98 11.29 -6.18
C TRP A 313 15.99 11.24 -6.09
N LYS A 314 16.18 10.07 -6.68
CA LYS A 314 15.09 9.12 -6.94
C LYS A 314 15.60 7.77 -6.49
N ILE A 315 14.72 7.03 -5.82
CA ILE A 315 15.05 5.80 -5.14
C ILE A 315 13.87 4.83 -5.30
N GLY A 316 14.10 3.68 -5.93
CA GLY A 316 13.10 2.61 -5.95
C GLY A 316 13.11 1.86 -4.63
N SER A 317 12.87 0.56 -4.66
CA SER A 317 13.00 -0.27 -3.46
C SER A 317 13.44 -1.70 -3.81
N SER A 318 14.29 -2.27 -2.95
CA SER A 318 14.83 -3.62 -3.16
C SER A 318 13.93 -4.73 -2.60
N HIS A 319 12.97 -4.36 -1.75
CA HIS A 319 12.08 -5.33 -1.11
C HIS A 319 10.77 -5.39 -1.82
N VAL A 320 10.32 -6.59 -2.12
CA VAL A 320 9.01 -6.79 -2.73
C VAL A 320 8.12 -7.73 -1.90
N HIS A 321 6.86 -7.32 -1.73
CA HIS A 321 5.80 -8.08 -1.07
C HIS A 321 4.75 -8.44 -2.10
N PHE A 322 4.33 -9.70 -2.12
CA PHE A 322 3.31 -10.14 -3.09
C PHE A 322 2.00 -9.40 -2.91
N GLY A 323 1.76 -8.94 -1.69
CA GLY A 323 0.56 -8.18 -1.37
C GLY A 323 0.47 -6.85 -2.07
N TYR A 324 1.56 -6.41 -2.69
CA TYR A 324 1.63 -5.12 -3.34
C TYR A 324 1.48 -5.22 -4.85
N GLN A 325 1.36 -6.45 -5.35
CA GLN A 325 1.34 -6.70 -6.77
C GLN A 325 -0.04 -6.50 -7.37
N ASN A 326 -0.12 -6.26 -8.67
CA ASN A 326 -1.39 -6.01 -9.34
C ASN A 326 -1.34 -6.35 -10.84
N PRO A 327 -1.61 -7.62 -11.18
CA PRO A 327 -1.66 -8.13 -12.55
C PRO A 327 -2.71 -7.47 -13.43
N MET A 328 -3.89 -7.21 -12.87
CA MET A 328 -4.95 -6.55 -13.63
C MET A 328 -4.49 -5.19 -14.13
N ALA A 329 -3.94 -4.39 -13.22
CA ALA A 329 -3.41 -3.09 -13.58
C ALA A 329 -2.31 -3.27 -14.64
N ALA A 330 -1.39 -4.18 -14.37
CA ALA A 330 -0.26 -4.43 -15.28
C ALA A 330 -0.76 -4.78 -16.68
N TRP A 331 -1.69 -5.71 -16.74
CA TRP A 331 -2.25 -6.12 -18.01
C TRP A 331 -2.91 -4.96 -18.68
N ALA A 332 -3.81 -4.27 -17.96
CA ALA A 332 -4.51 -3.10 -18.50
C ALA A 332 -3.51 -2.13 -19.14
N LEU A 333 -2.51 -1.70 -18.38
CA LEU A 333 -1.47 -0.80 -18.94
C LEU A 333 -0.73 -1.40 -20.14
N ALA A 334 -0.50 -2.71 -20.12
CA ALA A 334 0.34 -3.37 -21.12
C ALA A 334 -0.41 -3.71 -22.40
N ASN A 335 -1.73 -3.90 -22.33
CA ASN A 335 -2.49 -4.50 -23.43
C ASN A 335 -3.63 -3.67 -23.98
N ASP A 336 -4.41 -3.05 -23.09
CA ASP A 336 -5.57 -2.21 -23.46
C ASP A 336 -5.13 -0.87 -24.04
N SER A 337 -5.36 -0.66 -25.35
CA SER A 337 -4.87 0.53 -26.07
C SER A 337 -5.36 1.90 -25.55
N ASP A 338 -6.49 1.90 -24.84
CA ASP A 338 -6.97 3.12 -24.17
C ASP A 338 -6.08 3.51 -22.97
N MET A 339 -5.65 2.50 -22.22
CA MET A 339 -4.80 2.72 -21.03
C MET A 339 -3.32 2.83 -21.36
N LYS A 340 -2.96 2.77 -22.63
CA LYS A 340 -1.55 2.74 -23.02
C LYS A 340 -0.84 4.00 -22.54
N PRO A 341 0.27 3.84 -21.76
CA PRO A 341 1.14 4.98 -21.41
C PRO A 341 1.81 5.57 -22.64
N LYS A 342 2.08 6.87 -22.58
CA LYS A 342 2.56 7.61 -23.74
C LYS A 342 4.04 7.37 -24.03
N SER A 343 4.81 7.02 -23.02
CA SER A 343 6.23 6.76 -23.23
C SER A 343 6.44 5.65 -24.25
N PRO A 344 7.55 5.73 -25.01
CA PRO A 344 7.95 4.65 -25.93
C PRO A 344 7.92 3.24 -25.31
N ASN A 345 8.53 3.09 -24.13
CA ASN A 345 8.71 1.78 -23.49
C ASN A 345 7.70 1.40 -22.41
N GLY A 346 6.77 2.29 -22.11
CA GLY A 346 5.84 2.10 -20.99
C GLY A 346 5.00 0.85 -21.00
N ALA A 347 4.08 0.75 -21.96
CA ALA A 347 3.28 -0.47 -22.13
C ALA A 347 4.16 -1.73 -22.07
N SER A 348 5.36 -1.61 -22.63
CA SER A 348 6.24 -2.73 -22.85
C SER A 348 6.84 -3.24 -21.53
N ASP A 349 7.33 -2.32 -20.70
CA ASP A 349 7.79 -2.63 -19.35
C ASP A 349 6.69 -3.25 -18.52
N TRP A 350 5.46 -2.82 -18.76
CA TRP A 350 4.33 -3.37 -18.02
C TRP A 350 3.97 -4.76 -18.42
N ALA A 351 4.22 -5.13 -19.68
CA ALA A 351 4.00 -6.51 -20.11
C ALA A 351 4.95 -7.43 -19.35
N LYS A 352 6.20 -6.98 -19.18
CA LYS A 352 7.20 -7.75 -18.46
C LYS A 352 6.83 -7.87 -17.00
N SER A 353 6.45 -6.74 -16.39
CA SER A 353 5.95 -6.75 -15.02
C SER A 353 4.79 -7.72 -14.83
N LEU A 354 3.81 -7.67 -15.74
CA LEU A 354 2.68 -8.62 -15.66
C LEU A 354 3.14 -10.07 -15.47
N LYS A 355 4.03 -10.55 -16.33
CA LYS A 355 4.47 -11.94 -16.25
C LYS A 355 5.38 -12.22 -15.05
N ARG A 356 6.25 -11.28 -14.74
CA ARG A 356 7.16 -11.45 -13.61
C ARG A 356 6.35 -11.55 -12.32
N GLN A 357 5.29 -10.75 -12.23
CA GLN A 357 4.39 -10.76 -11.09
C GLN A 357 3.73 -12.11 -10.95
N ILE A 358 3.19 -12.63 -12.04
CA ILE A 358 2.52 -13.91 -11.98
C ILE A 358 3.50 -15.02 -11.59
N GLU A 359 4.74 -14.93 -12.07
CA GLU A 359 5.75 -15.91 -11.69
C GLU A 359 6.06 -15.83 -10.19
N PHE A 360 6.23 -14.59 -9.73
CA PHE A 360 6.39 -14.26 -8.34
C PHE A 360 5.29 -14.90 -7.46
N TYR A 361 4.01 -14.65 -7.80
CA TYR A 361 2.92 -15.26 -7.03
C TYR A 361 3.08 -16.78 -6.99
N ARG A 362 3.35 -17.39 -8.14
N ARG A 362 3.33 -17.36 -8.16
CA ARG A 362 3.46 -18.85 -8.18
CA ARG A 362 3.51 -18.81 -8.30
C ARG A 362 4.67 -19.35 -7.40
C ARG A 362 4.64 -19.29 -7.38
N TRP A 363 5.76 -18.58 -7.41
CA TRP A 363 6.95 -18.96 -6.65
C TRP A 363 6.73 -18.89 -5.15
N LEU A 364 5.90 -17.94 -4.74
CA LEU A 364 5.53 -17.76 -3.34
C LEU A 364 4.39 -18.66 -2.87
N GLN A 365 3.81 -19.47 -3.73
CA GLN A 365 2.65 -20.29 -3.31
C GLN A 365 3.05 -21.46 -2.38
N SER A 366 2.61 -21.42 -1.13
CA SER A 366 2.90 -22.51 -0.19
C SER A 366 2.33 -23.84 -0.68
N ALA A 367 2.87 -24.90 -0.12
CA ALA A 367 2.36 -26.24 -0.36
C ALA A 367 0.84 -26.31 -0.13
N GLU A 368 0.34 -25.57 0.86
CA GLU A 368 -1.09 -25.56 1.18
C GLU A 368 -1.88 -24.72 0.20
N GLY A 369 -1.29 -23.63 -0.27
CA GLY A 369 -1.94 -22.74 -1.23
C GLY A 369 -1.88 -21.24 -0.94
N ALA A 370 -1.59 -20.88 0.30
CA ALA A 370 -1.44 -19.47 0.69
C ALA A 370 -0.18 -18.89 0.06
N ILE A 371 -0.20 -17.60 -0.24
CA ILE A 371 0.95 -16.94 -0.86
C ILE A 371 1.91 -16.37 0.22
N ALA A 372 3.15 -16.84 0.21
CA ALA A 372 4.18 -16.39 1.13
C ALA A 372 4.63 -14.97 0.77
N GLY A 373 5.51 -14.39 1.57
CA GLY A 373 5.75 -12.92 1.56
C GLY A 373 6.39 -12.20 0.37
N GLY A 374 7.59 -12.62 0.00
CA GLY A 374 8.33 -11.88 -1.00
C GLY A 374 9.82 -12.17 -1.08
N ALA A 375 10.56 -11.18 -1.56
CA ALA A 375 11.97 -11.34 -1.84
C ALA A 375 12.65 -10.00 -1.70
N THR A 376 13.98 -10.02 -1.62
CA THR A 376 14.75 -8.79 -1.58
C THR A 376 15.99 -8.90 -2.44
N ASN A 377 16.37 -7.79 -3.05
CA ASN A 377 17.66 -7.71 -3.71
C ASN A 377 18.73 -7.17 -2.76
N SER A 378 18.35 -6.82 -1.53
CA SER A 378 19.28 -6.20 -0.57
C SER A 378 19.11 -6.86 0.80
N TRP A 379 19.86 -7.93 1.04
CA TRP A 379 19.74 -8.65 2.30
C TRP A 379 20.17 -7.77 3.45
N ASN A 380 19.30 -7.69 4.46
CA ASN A 380 19.41 -6.73 5.56
C ASN A 380 19.42 -5.29 5.09
N GLY A 381 18.94 -5.05 3.89
CA GLY A 381 18.95 -3.71 3.32
C GLY A 381 20.34 -3.12 3.11
N ARG A 382 21.34 -4.00 3.00
CA ARG A 382 22.73 -3.58 2.81
C ARG A 382 23.42 -4.46 1.76
N TYR A 383 22.65 -4.95 0.80
CA TYR A 383 23.19 -5.83 -0.23
C TYR A 383 24.24 -6.80 0.29
N GLU A 384 23.90 -7.50 1.39
N GLU A 384 23.91 -7.53 1.36
CA GLU A 384 24.76 -8.54 1.97
CA GLU A 384 24.83 -8.50 1.90
C GLU A 384 24.61 -9.88 1.25
C GLU A 384 24.56 -9.90 1.36
N LYS A 385 25.53 -10.77 1.55
CA LYS A 385 25.51 -12.12 1.00
C LYS A 385 24.36 -12.92 1.61
N TYR A 386 23.60 -13.60 0.77
CA TYR A 386 22.49 -14.44 1.25
C TYR A 386 23.07 -15.61 2.02
N PRO A 387 22.37 -16.07 3.06
CA PRO A 387 22.78 -17.29 3.74
C PRO A 387 22.83 -18.50 2.81
N ALA A 388 23.68 -19.47 3.15
CA ALA A 388 23.67 -20.76 2.45
C ALA A 388 22.24 -21.28 2.39
N GLY A 389 21.85 -21.83 1.25
CA GLY A 389 20.54 -22.50 1.13
C GLY A 389 19.33 -21.62 0.83
N THR A 390 19.54 -20.31 0.75
CA THR A 390 18.47 -19.37 0.53
C THR A 390 17.80 -19.56 -0.84
N ALA A 391 16.48 -19.71 -0.86
CA ALA A 391 15.76 -19.82 -2.12
C ALA A 391 15.74 -18.45 -2.79
N THR A 392 15.83 -18.44 -4.12
CA THR A 392 15.87 -17.18 -4.88
C THR A 392 14.94 -17.13 -6.08
N PHE A 393 14.62 -15.89 -6.45
CA PHE A 393 13.72 -15.57 -7.55
C PHE A 393 14.44 -14.51 -8.34
N TYR A 394 14.93 -14.89 -9.51
CA TYR A 394 15.71 -14.00 -10.38
C TYR A 394 16.84 -13.32 -9.61
N GLY A 395 17.45 -14.05 -8.67
CA GLY A 395 18.56 -13.55 -7.90
C GLY A 395 18.19 -12.82 -6.64
N MET A 396 16.89 -12.62 -6.41
CA MET A 396 16.38 -12.01 -5.19
C MET A 396 16.15 -13.10 -4.14
N ALA A 397 16.36 -12.76 -2.87
CA ALA A 397 16.30 -13.75 -1.80
C ALA A 397 14.91 -13.79 -1.16
N TYR A 398 14.36 -14.99 -1.00
CA TYR A 398 13.05 -15.15 -0.37
C TYR A 398 13.08 -14.52 1.00
N GLU A 399 12.02 -13.82 1.38
CA GLU A 399 11.87 -13.32 2.75
C GLU A 399 10.43 -13.55 3.17
N PRO A 400 10.22 -14.25 4.30
CA PRO A 400 8.84 -14.50 4.74
C PRO A 400 8.10 -13.22 5.09
N ASN A 401 8.80 -12.24 5.64
CA ASN A 401 8.20 -10.96 5.99
C ASN A 401 9.03 -9.82 5.44
N PRO A 402 8.79 -9.45 4.18
CA PRO A 402 9.62 -8.37 3.63
C PRO A 402 9.25 -6.99 4.15
N VAL A 403 10.26 -6.14 4.24
CA VAL A 403 10.13 -4.74 4.62
C VAL A 403 9.94 -4.45 6.11
N TYR A 404 8.88 -4.98 6.72
N TYR A 404 8.88 -4.98 6.72
CA TYR A 404 8.57 -4.72 8.15
CA TYR A 404 8.63 -4.72 8.15
C TYR A 404 8.46 -6.02 8.95
C TYR A 404 8.40 -6.00 8.97
N HIS A 405 8.88 -5.97 10.22
CA HIS A 405 8.89 -7.14 11.12
C HIS A 405 8.10 -6.99 12.39
N ASP A 406 7.53 -5.82 12.62
CA ASP A 406 6.83 -5.54 13.88
C ASP A 406 5.51 -4.78 13.61
N PRO A 407 4.45 -5.54 13.30
CA PRO A 407 4.47 -7.00 13.21
C PRO A 407 4.90 -7.48 11.80
N GLY A 408 5.28 -8.75 11.68
CA GLY A 408 5.66 -9.35 10.40
C GLY A 408 4.70 -9.02 9.26
N SER A 409 5.24 -8.44 8.20
CA SER A 409 4.44 -7.96 7.07
C SER A 409 3.55 -8.99 6.39
N ASN A 410 3.89 -10.28 6.47
CA ASN A 410 2.99 -11.34 5.94
C ASN A 410 2.40 -12.27 7.00
N THR A 411 2.40 -11.79 8.25
CA THR A 411 1.59 -12.39 9.29
C THR A 411 0.15 -11.82 9.27
N TRP A 412 -0.14 -10.94 8.33
CA TRP A 412 -1.50 -10.42 8.17
C TRP A 412 -2.19 -11.17 7.07
N PHE A 413 -3.25 -11.90 7.40
CA PHE A 413 -4.05 -12.56 6.38
C PHE A 413 -4.54 -11.62 5.29
N GLY A 414 -4.78 -10.35 5.61
CA GLY A 414 -5.40 -9.39 4.68
C GLY A 414 -4.83 -9.28 3.27
N PHE A 415 -3.51 -9.45 3.11
CA PHE A 415 -2.85 -9.35 1.79
C PHE A 415 -3.27 -10.48 0.85
N GLN A 416 -3.53 -11.66 1.42
CA GLN A 416 -4.03 -12.79 0.64
C GLN A 416 -5.20 -12.31 -0.20
N ALA A 417 -6.22 -11.74 0.46
CA ALA A 417 -7.42 -11.23 -0.21
C ALA A 417 -7.14 -10.07 -1.13
N TRP A 418 -6.51 -9.02 -0.60
CA TRP A 418 -6.23 -7.84 -1.40
C TRP A 418 -5.55 -8.19 -2.69
N SER A 419 -4.54 -9.06 -2.62
CA SER A 419 -3.68 -9.32 -3.76
C SER A 419 -4.33 -10.34 -4.69
N MET A 420 -4.85 -11.42 -4.14
CA MET A 420 -5.48 -12.43 -4.99
C MET A 420 -6.77 -11.94 -5.67
N GLN A 421 -7.48 -10.98 -5.09
CA GLN A 421 -8.56 -10.25 -5.78
C GLN A 421 -8.11 -9.71 -7.12
N ARG A 422 -6.91 -9.15 -7.15
CA ARG A 422 -6.38 -8.54 -8.38
C ARG A 422 -6.01 -9.61 -9.41
N VAL A 423 -5.50 -10.74 -8.92
CA VAL A 423 -5.18 -11.86 -9.78
C VAL A 423 -6.49 -12.42 -10.34
N ALA A 424 -7.50 -12.50 -9.48
CA ALA A 424 -8.80 -13.07 -9.85
C ALA A 424 -9.44 -12.19 -10.90
N GLU A 425 -9.29 -10.88 -10.80
CA GLU A 425 -9.75 -9.98 -11.86
C GLU A 425 -9.04 -10.29 -13.17
N TYR A 426 -7.70 -10.28 -13.13
CA TYR A 426 -6.86 -10.60 -14.30
C TYR A 426 -7.24 -11.95 -14.95
N TYR A 427 -7.46 -12.96 -14.14
CA TYR A 427 -7.88 -14.25 -14.66
C TYR A 427 -9.23 -14.16 -15.39
N TYR A 428 -10.19 -13.44 -14.81
CA TYR A 428 -11.52 -13.26 -15.39
C TYR A 428 -11.41 -12.58 -16.76
N VAL A 429 -10.60 -11.53 -16.84
CA VAL A 429 -10.49 -10.78 -18.10
C VAL A 429 -9.85 -11.62 -19.19
N THR A 430 -9.02 -12.57 -18.77
CA THR A 430 -7.90 -13.06 -19.59
C THR A 430 -7.91 -14.58 -19.81
N GLY A 431 -8.17 -15.33 -18.74
CA GLY A 431 -8.18 -16.78 -18.84
C GLY A 431 -6.76 -17.33 -18.81
N ASP A 432 -5.82 -16.49 -18.38
CA ASP A 432 -4.43 -16.91 -18.23
C ASP A 432 -4.40 -18.20 -17.40
N LYS A 433 -3.76 -19.23 -17.93
CA LYS A 433 -3.67 -20.53 -17.25
C LYS A 433 -2.86 -20.53 -15.95
N ASP A 434 -1.82 -19.71 -15.88
CA ASP A 434 -0.99 -19.67 -14.69
C ASP A 434 -1.75 -19.01 -13.56
N ALA A 435 -2.39 -17.89 -13.89
CA ALA A 435 -3.29 -17.21 -12.95
C ALA A 435 -4.35 -18.18 -12.46
N GLY A 436 -4.95 -18.91 -13.40
CA GLY A 436 -5.97 -19.91 -13.08
C GLY A 436 -5.48 -21.02 -12.18
N ALA A 437 -4.35 -21.62 -12.53
CA ALA A 437 -3.79 -22.71 -11.74
C ALA A 437 -3.37 -22.20 -10.35
N LEU A 438 -2.89 -20.96 -10.30
CA LEU A 438 -2.54 -20.29 -9.03
C LEU A 438 -3.78 -20.14 -8.14
N LEU A 439 -4.84 -19.60 -8.75
CA LEU A 439 -6.08 -19.30 -8.04
C LEU A 439 -6.78 -20.58 -7.61
N GLU A 440 -6.75 -21.58 -8.46
CA GLU A 440 -7.31 -22.85 -8.13
C GLU A 440 -6.79 -23.33 -6.77
N LYS A 441 -5.47 -23.46 -6.66
CA LYS A 441 -4.84 -23.99 -5.44
C LYS A 441 -5.04 -23.06 -4.22
N TRP A 442 -5.23 -21.77 -4.47
CA TRP A 442 -5.46 -20.78 -3.41
C TRP A 442 -6.89 -20.75 -2.92
N VAL A 443 -7.85 -20.82 -3.84
CA VAL A 443 -9.26 -20.90 -3.50
C VAL A 443 -9.50 -22.17 -2.70
N SER A 444 -8.87 -23.24 -3.14
CA SER A 444 -8.90 -24.49 -2.40
C SER A 444 -8.50 -24.28 -0.93
N TRP A 445 -7.37 -23.60 -0.71
CA TRP A 445 -6.92 -23.25 0.64
C TRP A 445 -7.92 -22.39 1.40
N VAL A 446 -8.38 -21.31 0.76
CA VAL A 446 -9.36 -20.40 1.37
C VAL A 446 -10.55 -21.21 1.90
N LYS A 447 -11.18 -21.98 1.02
CA LYS A 447 -12.29 -22.85 1.41
C LYS A 447 -12.01 -23.68 2.68
N SER A 448 -10.79 -24.21 2.79
CA SER A 448 -10.42 -25.09 3.90
C SER A 448 -10.18 -24.38 5.22
N VAL A 449 -10.03 -23.05 5.18
CA VAL A 449 -9.67 -22.28 6.39
C VAL A 449 -10.75 -21.28 6.84
N VAL A 450 -11.63 -20.86 5.93
CA VAL A 450 -12.78 -20.05 6.33
C VAL A 450 -13.78 -20.87 7.18
N LYS A 451 -14.24 -20.27 8.27
CA LYS A 451 -15.19 -20.89 9.19
C LYS A 451 -16.54 -20.27 8.96
N LEU A 452 -17.50 -21.08 8.50
CA LEU A 452 -18.92 -20.69 8.53
C LEU A 452 -19.52 -21.45 9.70
N ASN A 453 -19.96 -20.71 10.73
CA ASN A 453 -20.50 -21.31 11.95
C ASN A 453 -22.00 -21.58 11.77
N SER A 454 -22.52 -22.53 12.56
CA SER A 454 -23.91 -22.99 12.47
C SER A 454 -24.92 -21.88 12.78
N ASP A 455 -24.52 -20.98 13.67
CA ASP A 455 -25.37 -19.90 14.12
C ASP A 455 -25.42 -18.71 13.14
N GLY A 456 -24.76 -18.84 11.99
CA GLY A 456 -24.75 -17.74 11.02
C GLY A 456 -23.61 -16.75 11.19
N THR A 457 -22.79 -16.92 12.24
CA THR A 457 -21.55 -16.12 12.39
C THR A 457 -20.47 -16.77 11.54
N PHE A 458 -19.45 -15.99 11.21
CA PHE A 458 -18.34 -16.51 10.42
C PHE A 458 -17.03 -15.99 10.96
N ALA A 459 -15.95 -16.62 10.53
CA ALA A 459 -14.61 -16.32 10.98
C ALA A 459 -13.66 -16.48 9.78
N ILE A 460 -12.87 -15.44 9.46
CA ILE A 460 -11.75 -15.57 8.50
C ILE A 460 -10.40 -15.55 9.24
N PRO A 461 -9.35 -16.15 8.64
CA PRO A 461 -8.06 -16.06 9.31
C PRO A 461 -7.64 -14.60 9.49
N SER A 462 -6.86 -14.36 10.54
CA SER A 462 -6.38 -13.01 10.90
C SER A 462 -4.83 -12.97 10.87
N THR A 463 -4.23 -13.82 11.70
CA THR A 463 -2.80 -13.88 11.84
C THR A 463 -2.29 -15.18 11.27
N LEU A 464 -1.35 -15.06 10.34
CA LEU A 464 -0.68 -16.20 9.73
C LEU A 464 0.75 -16.33 10.25
N ASP A 465 1.29 -17.54 10.19
CA ASP A 465 2.73 -17.79 10.46
C ASP A 465 3.28 -18.73 9.38
N TRP A 466 4.61 -18.75 9.22
CA TRP A 466 5.24 -19.39 8.06
C TRP A 466 6.41 -20.29 8.37
N SER A 467 6.71 -21.17 7.42
CA SER A 467 7.78 -22.14 7.60
C SER A 467 8.47 -22.53 6.31
N GLY A 468 9.80 -22.64 6.41
CA GLY A 468 10.60 -23.07 5.30
C GLY A 468 10.68 -22.02 4.20
N GLN A 469 10.82 -22.52 2.99
CA GLN A 469 11.16 -21.70 1.83
C GLN A 469 10.55 -22.26 0.57
N PRO A 470 10.29 -21.43 -0.43
CA PRO A 470 9.99 -22.03 -1.73
C PRO A 470 11.22 -22.77 -2.31
N ASP A 471 11.03 -23.51 -3.38
CA ASP A 471 12.17 -23.95 -4.16
C ASP A 471 12.62 -22.74 -4.96
N THR A 472 13.92 -22.66 -5.23
CA THR A 472 14.46 -21.62 -6.10
C THR A 472 13.73 -21.65 -7.42
N TRP A 473 13.37 -20.47 -7.91
CA TRP A 473 12.62 -20.33 -9.15
C TRP A 473 13.42 -20.63 -10.40
N ASN A 474 12.84 -21.45 -11.25
CA ASN A 474 13.33 -21.70 -12.58
C ASN A 474 12.24 -21.64 -13.65
N GLY A 475 11.22 -20.82 -13.40
CA GLY A 475 10.20 -20.48 -14.40
C GLY A 475 8.99 -21.39 -14.53
N ALA A 476 8.89 -22.39 -13.66
CA ALA A 476 7.82 -23.38 -13.72
C ALA A 476 7.50 -23.85 -12.32
N TYR A 477 6.22 -24.12 -12.04
CA TYR A 477 5.81 -24.42 -10.66
C TYR A 477 6.32 -25.80 -10.28
N THR A 478 6.69 -25.92 -9.01
CA THR A 478 7.24 -27.16 -8.47
C THR A 478 6.36 -27.77 -7.40
N GLY A 479 5.52 -26.96 -6.75
CA GLY A 479 4.73 -27.42 -5.63
C GLY A 479 5.17 -26.86 -4.28
N ASN A 480 6.38 -26.34 -4.20
CA ASN A 480 6.88 -25.71 -2.96
C ASN A 480 6.55 -26.53 -1.70
N SER A 481 6.91 -27.81 -1.73
CA SER A 481 6.50 -28.73 -0.67
C SER A 481 7.13 -28.44 0.72
N ASN A 482 8.17 -27.63 0.76
CA ASN A 482 8.75 -27.19 2.03
C ASN A 482 8.28 -25.82 2.54
N LEU A 483 7.42 -25.14 1.78
CA LEU A 483 6.85 -23.87 2.20
C LEU A 483 5.46 -24.09 2.82
N HIS A 484 5.31 -23.67 4.08
CA HIS A 484 4.12 -23.95 4.88
C HIS A 484 3.53 -22.75 5.55
N VAL A 485 2.21 -22.60 5.39
CA VAL A 485 1.46 -21.56 6.09
C VAL A 485 0.78 -22.21 7.30
N LYS A 486 0.64 -21.44 8.38
CA LYS A 486 -0.17 -21.83 9.54
C LYS A 486 -1.08 -20.69 9.94
N VAL A 487 -2.36 -20.97 10.11
CA VAL A 487 -3.27 -19.98 10.66
C VAL A 487 -3.05 -19.97 12.16
N VAL A 488 -2.74 -18.80 12.70
CA VAL A 488 -2.47 -18.64 14.14
C VAL A 488 -3.77 -18.26 14.86
N ASP A 489 -4.62 -17.50 14.20
CA ASP A 489 -5.91 -17.15 14.78
C ASP A 489 -6.90 -16.61 13.76
N TYR A 490 -8.12 -16.38 14.24
CA TYR A 490 -9.23 -15.99 13.39
C TYR A 490 -9.82 -14.73 13.89
N GLY A 491 -10.66 -14.14 13.05
CA GLY A 491 -11.21 -12.84 13.32
C GLY A 491 -12.35 -12.54 12.38
N THR A 492 -12.77 -11.30 12.37
CA THR A 492 -13.97 -10.94 11.67
C THR A 492 -13.79 -9.57 11.03
N ASP A 493 -12.65 -9.42 10.35
CA ASP A 493 -12.32 -8.19 9.64
C ASP A 493 -13.18 -8.14 8.40
N LEU A 494 -14.04 -7.13 8.35
CA LEU A 494 -15.08 -7.07 7.33
C LEU A 494 -14.53 -6.56 6.01
N GLY A 495 -13.61 -5.61 6.08
CA GLY A 495 -12.94 -5.15 4.87
C GLY A 495 -12.30 -6.33 4.13
N ILE A 496 -11.55 -7.14 4.87
N ILE A 496 -11.57 -7.15 4.87
CA ILE A 496 -10.89 -8.31 4.29
CA ILE A 496 -10.87 -8.30 4.28
C ILE A 496 -11.88 -9.38 3.87
C ILE A 496 -11.84 -9.43 3.90
N THR A 497 -12.82 -9.70 4.77
CA THR A 497 -13.91 -10.65 4.47
C THR A 497 -14.60 -10.34 3.16
N ALA A 498 -14.80 -9.05 2.88
CA ALA A 498 -15.49 -8.65 1.67
C ALA A 498 -14.56 -8.80 0.46
N SER A 499 -13.28 -8.49 0.65
CA SER A 499 -12.27 -8.55 -0.40
C SER A 499 -11.99 -10.01 -0.78
N LEU A 500 -11.99 -10.86 0.23
CA LEU A 500 -11.93 -12.32 0.04
C LEU A 500 -13.14 -12.78 -0.77
N ALA A 501 -14.33 -12.30 -0.40
CA ALA A 501 -15.56 -12.58 -1.16
C ALA A 501 -15.41 -12.10 -2.59
N ASN A 502 -14.92 -10.87 -2.75
CA ASN A 502 -14.71 -10.26 -4.08
C ASN A 502 -13.77 -11.12 -4.94
N ALA A 503 -12.70 -11.64 -4.34
CA ALA A 503 -11.75 -12.47 -5.08
C ALA A 503 -12.39 -13.79 -5.52
N LEU A 504 -13.12 -14.44 -4.60
CA LEU A 504 -13.85 -15.67 -4.88
C LEU A 504 -14.86 -15.53 -6.03
N LEU A 505 -15.45 -14.35 -6.16
CA LEU A 505 -16.45 -14.09 -7.19
C LEU A 505 -15.86 -13.95 -8.57
N TYR A 506 -14.77 -13.21 -8.68
CA TYR A 506 -14.06 -13.07 -9.96
C TYR A 506 -13.45 -14.39 -10.42
N TYR A 507 -12.93 -15.17 -9.48
CA TYR A 507 -12.42 -16.49 -9.81
C TYR A 507 -13.54 -17.37 -10.36
N SER A 508 -14.62 -17.52 -9.58
CA SER A 508 -15.79 -18.34 -9.94
C SER A 508 -16.34 -17.91 -11.29
N ALA A 509 -16.43 -16.61 -11.51
CA ALA A 509 -16.85 -16.09 -12.81
C ALA A 509 -15.94 -16.60 -13.91
N GLY A 510 -14.62 -16.41 -13.75
CA GLY A 510 -13.65 -16.85 -14.75
C GLY A 510 -13.72 -18.35 -15.00
N THR A 511 -13.94 -19.08 -13.93
CA THR A 511 -14.10 -20.50 -13.97
C THR A 511 -15.29 -20.94 -14.83
N LYS A 512 -16.42 -20.25 -14.71
CA LYS A 512 -17.59 -20.55 -15.53
C LYS A 512 -17.24 -20.26 -17.01
N LYS A 513 -16.57 -19.15 -17.21
CA LYS A 513 -16.28 -18.60 -18.52
C LYS A 513 -15.18 -19.37 -19.25
N TYR A 514 -14.26 -20.00 -18.52
CA TYR A 514 -13.07 -20.61 -19.12
C TYR A 514 -12.83 -22.08 -18.74
N GLY A 515 -13.65 -22.66 -17.87
CA GLY A 515 -13.42 -24.04 -17.44
C GLY A 515 -14.61 -24.68 -16.75
N VAL A 516 -14.33 -25.45 -15.70
CA VAL A 516 -15.38 -26.06 -14.91
C VAL A 516 -15.79 -25.10 -13.79
N PHE A 517 -17.02 -24.57 -13.90
CA PHE A 517 -17.61 -23.62 -12.96
C PHE A 517 -17.45 -24.06 -11.48
N ASP A 518 -16.92 -23.15 -10.67
CA ASP A 518 -16.72 -23.39 -9.25
C ASP A 518 -17.86 -22.70 -8.51
N GLU A 519 -18.94 -23.44 -8.31
CA GLU A 519 -20.08 -22.91 -7.56
C GLU A 519 -19.68 -22.72 -6.11
N GLY A 520 -18.94 -23.69 -5.56
CA GLY A 520 -18.43 -23.63 -4.19
C GLY A 520 -17.93 -22.24 -3.81
N ALA A 521 -17.03 -21.70 -4.65
CA ALA A 521 -16.44 -20.36 -4.50
C ALA A 521 -17.48 -19.26 -4.40
N LYS A 522 -18.35 -19.17 -5.41
CA LYS A 522 -19.46 -18.19 -5.41
C LYS A 522 -20.31 -18.33 -4.16
N ASN A 523 -20.69 -19.56 -3.85
CA ASN A 523 -21.52 -19.82 -2.68
C ASN A 523 -20.84 -19.40 -1.38
N LEU A 524 -19.55 -19.69 -1.23
CA LEU A 524 -18.79 -19.29 -0.03
C LEU A 524 -18.73 -17.78 0.11
N ALA A 525 -18.66 -17.08 -1.02
CA ALA A 525 -18.58 -15.64 -1.04
C ALA A 525 -19.92 -15.05 -0.63
N LYS A 526 -20.98 -15.46 -1.35
CA LYS A 526 -22.37 -15.10 -1.03
C LYS A 526 -22.63 -15.26 0.47
N GLU A 527 -22.32 -16.43 1.01
CA GLU A 527 -22.53 -16.67 2.43
C GLU A 527 -21.82 -15.60 3.27
N LEU A 528 -20.55 -15.32 2.94
CA LEU A 528 -19.80 -14.25 3.64
C LEU A 528 -20.49 -12.88 3.48
N LEU A 529 -20.80 -12.49 2.26
CA LEU A 529 -21.55 -11.24 2.02
C LEU A 529 -22.93 -11.19 2.64
N ASP A 530 -23.55 -12.34 2.88
CA ASP A 530 -24.91 -12.39 3.41
C ASP A 530 -24.89 -12.37 4.94
N ARG A 531 -24.08 -13.23 5.54
CA ARG A 531 -23.97 -13.30 7.00
C ARG A 531 -23.45 -11.96 7.57
N MET A 532 -22.59 -11.29 6.80
CA MET A 532 -22.02 -10.02 7.20
C MET A 532 -23.12 -8.99 7.23
N TRP A 533 -23.87 -8.94 6.14
CA TRP A 533 -24.96 -7.98 5.99
C TRP A 533 -26.04 -8.12 7.04
N LYS A 534 -26.30 -9.35 7.47
CA LYS A 534 -27.34 -9.60 8.45
C LYS A 534 -26.90 -9.25 9.88
N LEU A 535 -25.61 -9.45 10.18
CA LEU A 535 -25.11 -9.39 11.57
C LEU A 535 -24.48 -8.05 12.00
N TYR A 536 -23.79 -7.38 11.08
CA TYR A 536 -22.85 -6.30 11.45
C TYR A 536 -23.21 -4.97 10.84
N ARG A 537 -24.45 -4.85 10.39
CA ARG A 537 -24.92 -3.58 9.87
C ARG A 537 -25.14 -2.65 11.08
N ASP A 538 -24.86 -1.36 10.88
CA ASP A 538 -25.00 -0.37 11.95
C ASP A 538 -25.27 1.01 11.34
N GLU A 539 -25.19 2.05 12.16
CA GLU A 539 -25.62 3.38 11.77
C GLU A 539 -24.76 4.01 10.66
N LYS A 540 -23.44 3.84 10.75
CA LYS A 540 -22.53 4.53 9.80
C LYS A 540 -22.15 3.68 8.57
N GLY A 541 -22.41 2.37 8.65
CA GLY A 541 -22.20 1.44 7.54
C GLY A 541 -22.22 0.01 8.06
N LEU A 542 -21.05 -0.64 8.10
CA LEU A 542 -20.92 -1.91 8.82
C LEU A 542 -19.72 -1.86 9.75
N SER A 543 -19.72 -2.70 10.78
CA SER A 543 -18.66 -2.73 11.79
C SER A 543 -18.75 -3.95 12.64
N ALA A 544 -17.62 -4.49 13.06
CA ALA A 544 -17.64 -5.60 14.01
C ALA A 544 -16.72 -5.26 15.16
N PRO A 545 -17.03 -5.78 16.36
CA PRO A 545 -16.15 -5.61 17.50
C PRO A 545 -14.77 -6.12 17.23
N GLU A 546 -13.79 -5.45 17.85
CA GLU A 546 -12.38 -5.66 17.56
C GLU A 546 -11.55 -5.38 18.83
N LYS A 547 -10.88 -6.40 19.32
CA LYS A 547 -9.98 -6.33 20.48
C LYS A 547 -8.58 -5.83 20.10
N ARG A 548 -8.19 -4.66 20.62
CA ARG A 548 -6.88 -4.07 20.33
C ARG A 548 -5.96 -4.05 21.56
N ALA A 549 -5.56 -5.23 22.02
CA ALA A 549 -4.57 -5.37 23.09
C ALA A 549 -3.32 -4.52 22.86
N ASP A 550 -2.88 -4.42 21.61
CA ASP A 550 -1.64 -3.75 21.26
C ASP A 550 -1.62 -2.28 21.65
N TYR A 551 -2.80 -1.70 21.85
CA TYR A 551 -2.94 -0.28 22.19
C TYR A 551 -2.35 0.11 23.54
N LYS A 552 -1.96 -0.87 24.35
CA LYS A 552 -1.10 -0.59 25.50
C LYS A 552 0.15 0.19 25.07
N ARG A 553 0.54 0.03 23.81
CA ARG A 553 1.72 0.68 23.28
C ARG A 553 1.62 2.21 23.23
N PHE A 554 0.41 2.74 23.21
CA PHE A 554 0.22 4.18 23.39
C PHE A 554 1.08 4.69 24.53
N PHE A 555 1.04 3.97 25.64
CA PHE A 555 1.59 4.43 26.91
C PHE A 555 2.99 3.87 27.10
N GLU A 556 3.19 2.63 26.69
CA GLU A 556 4.38 1.90 27.05
C GLU A 556 5.51 2.01 26.05
N GLN A 557 5.21 2.41 24.81
CA GLN A 557 6.26 2.39 23.78
C GLN A 557 7.15 3.62 23.80
N GLU A 558 8.42 3.37 24.07
CA GLU A 558 9.47 4.38 23.96
C GLU A 558 9.83 4.57 22.49
N VAL A 559 9.77 5.82 22.07
CA VAL A 559 10.27 6.25 20.79
C VAL A 559 11.75 6.58 20.93
N TYR A 560 12.61 5.93 20.14
CA TYR A 560 14.04 6.23 20.15
C TYR A 560 14.30 7.64 19.67
N ILE A 561 15.04 8.39 20.47
CA ILE A 561 15.60 9.68 20.08
C ILE A 561 17.06 9.67 20.49
N PRO A 562 17.96 10.22 19.64
CA PRO A 562 19.36 10.17 20.05
C PRO A 562 19.64 10.98 21.30
N ALA A 563 20.42 10.43 22.23
CA ALA A 563 21.00 11.21 23.31
C ALA A 563 21.48 12.56 22.76
N GLY A 564 21.05 13.67 23.35
CA GLY A 564 21.47 15.02 22.93
C GLY A 564 20.59 15.72 21.89
N TRP A 565 19.68 14.96 21.28
CA TRP A 565 18.78 15.49 20.27
C TRP A 565 17.57 16.09 20.94
N ILE A 566 17.33 17.35 20.62
CA ILE A 566 16.30 18.14 21.26
C ILE A 566 15.47 18.80 20.17
N GLY A 567 14.16 18.65 20.24
CA GLY A 567 13.27 19.29 19.28
C GLY A 567 11.87 19.42 19.81
N LYS A 568 11.03 20.10 19.06
CA LYS A 568 9.63 20.27 19.45
C LYS A 568 8.69 19.92 18.30
N MET A 569 7.56 19.31 18.64
CA MET A 569 6.48 19.12 17.67
C MET A 569 5.78 20.47 17.56
N PRO A 570 4.99 20.68 16.50
CA PRO A 570 4.36 21.99 16.30
C PRO A 570 3.45 22.49 17.43
N ASN A 571 2.83 21.55 18.14
CA ASN A 571 1.98 21.88 19.30
C ASN A 571 2.79 22.07 20.59
N GLY A 572 4.11 21.93 20.52
CA GLY A 572 4.99 22.24 21.64
C GLY A 572 5.48 21.03 22.39
N ASP A 573 5.00 19.84 22.03
CA ASP A 573 5.45 18.64 22.71
C ASP A 573 6.94 18.51 22.52
N VAL A 574 7.65 18.13 23.58
CA VAL A 574 9.11 18.09 23.53
C VAL A 574 9.56 16.71 23.04
N ILE A 575 10.51 16.71 22.11
CA ILE A 575 11.04 15.49 21.51
C ILE A 575 12.46 15.24 22.05
N LYS A 576 12.62 14.21 22.89
CA LYS A 576 13.93 13.87 23.44
C LYS A 576 14.01 12.41 23.87
N SER A 577 15.21 11.93 24.15
CA SER A 577 15.39 10.58 24.66
C SER A 577 14.39 10.26 25.76
N GLY A 578 13.81 9.06 25.73
CA GLY A 578 12.88 8.59 26.77
C GLY A 578 11.40 8.86 26.50
N VAL A 579 11.12 9.90 25.73
CA VAL A 579 9.76 10.24 25.29
C VAL A 579 8.99 9.00 24.82
N LYS A 580 7.71 8.89 25.17
CA LYS A 580 6.86 7.76 24.69
C LYS A 580 6.04 8.18 23.49
N PHE A 581 5.38 7.20 22.87
CA PHE A 581 4.48 7.44 21.75
C PHE A 581 3.51 8.59 22.02
N ILE A 582 2.88 8.59 23.19
CA ILE A 582 1.84 9.61 23.49
C ILE A 582 2.43 10.97 23.87
N ASP A 583 3.65 10.96 24.37
CA ASP A 583 4.34 12.20 24.76
C ASP A 583 4.65 13.17 23.61
N ILE A 584 4.75 12.67 22.38
CA ILE A 584 4.90 13.54 21.19
C ILE A 584 3.58 13.69 20.41
N ARG A 585 2.49 13.16 20.97
CA ARG A 585 1.17 13.31 20.37
C ARG A 585 0.14 13.63 21.46
N SER A 586 0.45 14.65 22.27
N SER A 586 0.42 14.61 22.31
CA SER A 586 -0.40 15.04 23.41
CA SER A 586 -0.46 14.87 23.46
C SER A 586 -1.86 15.31 23.07
C SER A 586 -1.87 15.40 23.10
N LYS A 587 -2.13 15.75 21.84
CA LYS A 587 -3.52 16.05 21.39
C LYS A 587 -4.43 14.83 21.42
N TYR A 588 -3.84 13.64 21.45
CA TYR A 588 -4.60 12.42 21.70
C TYR A 588 -5.40 12.44 23.00
N LYS A 589 -4.90 13.15 24.01
CA LYS A 589 -5.60 13.22 25.30
C LYS A 589 -6.96 13.95 25.25
N GLN A 590 -7.20 14.76 24.22
CA GLN A 590 -8.55 15.30 23.96
C GLN A 590 -9.34 14.49 22.91
N ASP A 591 -9.01 13.22 22.73
CA ASP A 591 -9.81 12.38 21.84
C ASP A 591 -11.00 11.78 22.62
N PRO A 592 -12.22 11.87 22.05
CA PRO A 592 -13.39 11.31 22.71
C PRO A 592 -13.23 9.90 23.31
N ASP A 593 -12.35 9.06 22.76
CA ASP A 593 -12.17 7.67 23.25
C ASP A 593 -11.02 7.53 24.26
N TRP A 594 -10.41 8.64 24.63
CA TRP A 594 -9.24 8.58 25.51
C TRP A 594 -9.50 7.94 26.85
N PRO A 595 -10.59 8.33 27.53
CA PRO A 595 -10.86 7.71 28.84
C PRO A 595 -11.14 6.21 28.75
N LYS A 596 -11.91 5.81 27.74
CA LYS A 596 -12.20 4.40 27.45
C LYS A 596 -10.91 3.62 27.33
N LEU A 597 -9.98 4.19 26.55
CA LEU A 597 -8.66 3.60 26.36
C LEU A 597 -7.90 3.53 27.68
N GLU A 598 -7.83 4.66 28.38
CA GLU A 598 -7.19 4.74 29.70
C GLU A 598 -7.73 3.69 30.67
N ALA A 599 -9.05 3.58 30.70
CA ALA A 599 -9.73 2.65 31.60
C ALA A 599 -9.29 1.22 31.32
N ALA A 600 -9.28 0.85 30.05
CA ALA A 600 -8.94 -0.52 29.63
C ALA A 600 -7.47 -0.84 29.87
N TYR A 601 -6.61 0.15 29.70
CA TYR A 601 -5.17 -0.04 29.88
C TYR A 601 -4.85 -0.40 31.32
N LYS A 602 -5.51 0.30 32.24
CA LYS A 602 -5.34 0.10 33.68
C LYS A 602 -6.08 -1.15 34.15
N SER A 603 -7.30 -1.36 33.65
CA SER A 603 -8.08 -2.57 33.95
C SER A 603 -7.26 -3.80 33.59
N GLY A 604 -6.38 -3.69 32.59
CA GLY A 604 -5.45 -4.75 32.21
C GLY A 604 -5.99 -5.65 31.10
N GLN A 605 -7.03 -5.20 30.41
CA GLN A 605 -7.62 -5.97 29.31
C GLN A 605 -7.84 -5.10 28.06
N ALA A 606 -7.83 -5.76 26.91
CA ALA A 606 -7.77 -5.09 25.62
C ALA A 606 -9.01 -4.24 25.40
N PRO A 607 -8.83 -3.01 24.91
CA PRO A 607 -9.96 -2.17 24.58
C PRO A 607 -10.60 -2.58 23.26
N GLU A 608 -11.86 -2.21 23.10
CA GLU A 608 -12.73 -2.68 22.02
C GLU A 608 -13.25 -1.52 21.17
N PHE A 609 -13.28 -1.72 19.85
CA PHE A 609 -13.76 -0.69 18.92
C PHE A 609 -14.61 -1.31 17.84
N ARG A 610 -15.52 -0.52 17.30
CA ARG A 610 -16.30 -0.88 16.13
C ARG A 610 -16.01 0.13 15.06
N TYR A 611 -14.96 -0.14 14.29
CA TYR A 611 -14.38 0.85 13.37
C TYR A 611 -15.05 0.87 12.03
N HIS A 612 -15.01 2.03 11.41
CA HIS A 612 -15.46 2.23 10.06
C HIS A 612 -14.31 2.78 9.27
N ARG A 613 -13.46 1.88 8.75
CA ARG A 613 -12.34 2.28 7.92
C ARG A 613 -12.88 2.52 6.54
N PHE A 614 -12.49 3.61 5.92
CA PHE A 614 -13.00 3.92 4.60
C PHE A 614 -12.80 2.74 3.68
N TRP A 615 -11.56 2.28 3.58
CA TRP A 615 -11.28 1.15 2.68
C TRP A 615 -12.10 -0.07 3.02
N ALA A 616 -12.34 -0.35 4.29
CA ALA A 616 -13.15 -1.53 4.64
C ALA A 616 -14.56 -1.36 4.07
N GLN A 617 -15.17 -0.20 4.32
CA GLN A 617 -16.53 0.05 3.87
C GLN A 617 -16.58 0.08 2.35
N CYS A 618 -15.51 0.59 1.72
CA CYS A 618 -15.38 0.55 0.26
C CYS A 618 -15.30 -0.89 -0.28
N ASP A 619 -14.63 -1.77 0.43
CA ASP A 619 -14.50 -3.16 0.00
C ASP A 619 -15.86 -3.88 0.11
N ILE A 620 -16.55 -3.67 1.22
CA ILE A 620 -17.83 -4.29 1.47
C ILE A 620 -18.81 -3.87 0.38
N ALA A 621 -18.83 -2.58 0.08
CA ALA A 621 -19.63 -2.04 -1.01
C ALA A 621 -19.31 -2.76 -2.32
N ILE A 622 -18.04 -2.70 -2.73
CA ILE A 622 -17.61 -3.24 -4.01
C ILE A 622 -17.85 -4.77 -4.14
N ALA A 623 -17.71 -5.51 -3.04
CA ALA A 623 -17.91 -6.95 -3.05
C ALA A 623 -19.39 -7.32 -3.34
N ASN A 624 -20.31 -6.66 -2.65
CA ASN A 624 -21.74 -6.80 -2.93
C ASN A 624 -22.09 -6.42 -4.36
N ALA A 625 -21.58 -5.28 -4.81
CA ALA A 625 -21.79 -4.85 -6.21
C ALA A 625 -21.17 -5.81 -7.22
N THR A 626 -20.06 -6.43 -6.86
CA THR A 626 -19.36 -7.34 -7.77
C THR A 626 -20.16 -8.65 -7.94
N TYR A 627 -20.87 -9.07 -6.89
CA TYR A 627 -21.82 -10.19 -7.00
C TYR A 627 -22.93 -9.94 -8.02
N GLU A 628 -23.40 -8.71 -8.11
CA GLU A 628 -24.42 -8.38 -9.08
C GLU A 628 -23.83 -8.28 -10.48
N ILE A 629 -22.72 -7.56 -10.63
CA ILE A 629 -22.09 -7.40 -11.94
C ILE A 629 -21.75 -8.75 -12.61
N LEU A 630 -21.33 -9.73 -11.80
CA LEU A 630 -20.91 -11.03 -12.32
C LEU A 630 -22.07 -12.03 -12.38
N PHE A 631 -23.01 -11.96 -11.42
CA PHE A 631 -24.16 -12.88 -11.37
C PHE A 631 -25.48 -12.14 -11.13
CA CA B . 9.82 -2.50 16.96
S SO4 C . 16.21 -17.54 -14.48
O1 SO4 C . 16.63 -18.95 -14.29
O2 SO4 C . 16.23 -17.20 -15.91
O3 SO4 C . 14.82 -17.35 -13.97
O4 SO4 C . 17.15 -16.69 -13.73
C1 EDO D . 23.03 14.72 -0.94
O1 EDO D . 23.78 14.91 0.27
C2 EDO D . 21.53 14.92 -0.68
O2 EDO D . 21.12 14.32 0.56
#